data_6YG1
#
_entry.id   6YG1
#
_cell.length_a   127.160
_cell.length_b   67.870
_cell.length_c   142.780
_cell.angle_alpha   90.000
_cell.angle_beta   114.760
_cell.angle_gamma   90.000
#
_symmetry.space_group_name_H-M   'C 1 2 1'
#
loop_
_entity.id
_entity.type
_entity.pdbx_description
1 polymer 'Dual specificity mitogen-activated protein kinase kinase 7'
2 non-polymer 'SODIUM ION'
3 non-polymer 1,2-ETHANEDIOL
4 water water
#
_entity_poly.entity_id   1
_entity_poly.type   'polypeptide(L)'
_entity_poly.pdbx_seq_one_letter_code
;SMSSPQHPTPPARPRHMLGLPSTLFTPRSMESIEIDQKLQEIMKQTGYLTIGGQRYQAEINDLENLGEMGSGTCGQVWKM
RFRKTGHVIAVKQMRRSGNKEENKRILMDLDVVLKSHDCPYIVQCFGTFITNTDVFIAMELMGTCAEKLKKRMQGPIPER
ILGKMTVAIVKALYYLKEKHGVIHRDVKPSNILLDERGQIKLCDFGISGRLVDDKAKDRSAGCAAYMAPERIDPPDPTKP
DYDIRADVWSLGISLVELATGQFPYKNCKTDFEVLTKVLQEEPPLLPGHMGFSGDFQSFVKDCLTKDHRKRPKYNKLLEH
SFIKRYETLEVDVASWFKDVMAKTESPR
;
_entity_poly.pdbx_strand_id   A,B,C
#
loop_
_chem_comp.id
_chem_comp.type
_chem_comp.name
_chem_comp.formula
EDO non-polymer 1,2-ETHANEDIOL 'C2 H6 O2'
NA non-polymer 'SODIUM ION' 'Na 1'
#
# COMPACT_ATOMS: atom_id res chain seq x y z
N SER A 29 19.57 -30.69 -5.92
CA SER A 29 20.63 -29.69 -6.22
C SER A 29 20.17 -28.29 -5.80
N MET A 30 20.89 -27.65 -4.87
CA MET A 30 20.54 -26.29 -4.41
C MET A 30 20.57 -25.23 -5.52
N GLU A 31 21.37 -25.49 -6.56
CA GLU A 31 21.36 -24.66 -7.80
C GLU A 31 20.02 -24.82 -8.55
N SER A 32 19.53 -26.06 -8.65
CA SER A 32 18.23 -26.38 -9.24
C SER A 32 17.03 -25.83 -8.44
N ILE A 33 17.11 -25.90 -7.11
CA ILE A 33 16.02 -25.40 -6.24
C ILE A 33 15.85 -23.89 -6.34
N GLU A 34 16.96 -23.13 -6.26
CA GLU A 34 16.90 -21.65 -6.36
C GLU A 34 16.51 -21.12 -7.75
N ILE A 35 16.98 -21.81 -8.80
CA ILE A 35 16.58 -21.50 -10.18
C ILE A 35 15.08 -21.68 -10.41
N ASP A 36 14.50 -22.77 -9.94
CA ASP A 36 13.05 -22.98 -10.04
C ASP A 36 12.29 -22.08 -9.05
N GLN A 37 12.88 -21.87 -7.87
CA GLN A 37 12.35 -20.90 -6.90
C GLN A 37 12.22 -19.48 -7.46
N LYS A 38 13.28 -18.98 -8.10
CA LYS A 38 13.28 -17.68 -8.77
C LYS A 38 12.27 -17.65 -9.94
N LEU A 39 12.27 -18.73 -10.74
CA LEU A 39 11.34 -18.87 -11.86
C LEU A 39 9.87 -18.79 -11.41
N GLN A 40 9.53 -19.51 -10.34
CA GLN A 40 8.18 -19.44 -9.74
C GLN A 40 7.79 -18.02 -9.33
N GLU A 41 8.65 -17.37 -8.53
CA GLU A 41 8.46 -15.95 -8.09
C GLU A 41 8.12 -15.00 -9.26
N ILE A 42 8.83 -15.17 -10.37
CA ILE A 42 8.59 -14.37 -11.60
C ILE A 42 7.30 -14.77 -12.36
N MET A 43 7.05 -16.06 -12.48
CA MET A 43 5.84 -16.56 -13.15
C MET A 43 4.52 -16.13 -12.45
N LYS A 44 4.58 -15.94 -11.13
CA LYS A 44 3.46 -15.35 -10.38
C LYS A 44 3.02 -13.96 -10.87
N GLN A 45 3.97 -13.16 -11.37
CA GLN A 45 3.67 -11.80 -11.83
C GLN A 45 3.59 -11.67 -13.35
N THR A 46 3.54 -12.79 -14.07
CA THR A 46 3.59 -12.77 -15.53
C THR A 46 2.25 -12.40 -16.18
N GLY A 47 2.28 -12.10 -17.46
CA GLY A 47 1.08 -11.75 -18.23
C GLY A 47 0.74 -10.28 -18.31
N TYR A 48 1.62 -9.41 -17.81
CA TYR A 48 1.34 -7.99 -17.87
C TYR A 48 2.61 -7.09 -17.91
N LEU A 49 2.45 -5.91 -18.54
CA LEU A 49 3.51 -4.88 -18.61
C LEU A 49 3.08 -3.67 -17.81
N THR A 50 3.98 -3.20 -16.94
CA THR A 50 3.74 -2.02 -16.20
C THR A 50 4.62 -0.97 -16.88
N ILE A 51 3.96 -0.06 -17.56
CA ILE A 51 4.64 0.96 -18.31
C ILE A 51 3.78 2.27 -18.32
N GLY A 52 4.41 3.39 -17.97
CA GLY A 52 3.71 4.66 -17.90
C GLY A 52 2.71 4.75 -16.77
N GLY A 53 3.03 4.11 -15.64
CA GLY A 53 2.15 4.14 -14.48
C GLY A 53 0.84 3.37 -14.60
N GLN A 54 0.79 2.43 -15.53
CA GLN A 54 -0.42 1.65 -15.81
C GLN A 54 -0.02 0.18 -16.10
N ARG A 55 -0.83 -0.71 -15.61
CA ARG A 55 -0.65 -2.14 -15.79
C ARG A 55 -1.53 -2.63 -16.93
N TYR A 56 -0.94 -3.26 -17.94
CA TYR A 56 -1.66 -3.75 -19.11
C TYR A 56 -1.46 -5.24 -19.24
N GLN A 57 -2.56 -5.95 -19.53
CA GLN A 57 -2.48 -7.35 -19.92
C GLN A 57 -1.71 -7.46 -21.24
N ALA A 58 -0.80 -8.46 -21.34
CA ALA A 58 0.12 -8.52 -22.50
C ALA A 58 0.35 -9.93 -23.05
N GLU A 59 0.29 -10.06 -24.38
CA GLU A 59 0.61 -11.28 -25.14
C GLU A 59 1.55 -10.94 -26.29
N ILE A 60 2.18 -11.95 -26.87
CA ILE A 60 3.08 -11.77 -28.02
C ILE A 60 2.46 -11.00 -29.18
N ASN A 61 1.15 -11.19 -29.43
CA ASN A 61 0.46 -10.47 -30.52
C ASN A 61 0.28 -9.00 -30.31
N ASP A 62 0.41 -8.56 -29.05
CA ASP A 62 0.37 -7.15 -28.72
C ASP A 62 1.66 -6.41 -29.08
N LEU A 63 2.65 -7.16 -29.58
CA LEU A 63 3.98 -6.63 -29.83
C LEU A 63 4.35 -6.77 -31.29
N GLU A 64 4.57 -5.64 -31.93
CA GLU A 64 5.03 -5.56 -33.30
C GLU A 64 6.55 -5.66 -33.31
N ASN A 65 7.09 -6.63 -34.06
CA ASN A 65 8.53 -6.81 -34.18
C ASN A 65 9.15 -5.76 -35.10
N LEU A 66 10.29 -5.19 -34.69
CA LEU A 66 11.00 -4.22 -35.51
C LEU A 66 12.47 -4.60 -35.77
N GLY A 67 12.82 -5.87 -35.57
CA GLY A 67 14.18 -6.38 -35.90
C GLY A 67 15.07 -6.59 -34.70
N GLU A 68 16.09 -7.45 -34.87
CA GLU A 68 17.00 -7.81 -33.77
C GLU A 68 18.02 -6.70 -33.50
N MET A 69 18.69 -6.79 -32.33
CA MET A 69 19.86 -5.96 -32.01
C MET A 69 21.02 -6.87 -31.54
N GLY A 70 22.02 -7.04 -32.40
CA GLY A 70 23.08 -8.01 -32.19
C GLY A 70 24.04 -7.62 -31.08
N GLN A 76 18.74 -13.94 -28.05
CA GLN A 76 18.15 -12.98 -28.99
C GLN A 76 17.44 -11.83 -28.27
N VAL A 77 17.74 -10.60 -28.68
CA VAL A 77 17.06 -9.39 -28.20
C VAL A 77 16.40 -8.63 -29.36
N TRP A 78 15.08 -8.48 -29.28
CA TRP A 78 14.31 -7.84 -30.34
C TRP A 78 13.80 -6.47 -29.89
N LYS A 79 13.83 -5.52 -30.82
CA LYS A 79 13.23 -4.21 -30.62
C LYS A 79 11.77 -4.33 -31.04
N MET A 80 10.84 -4.06 -30.13
CA MET A 80 9.41 -4.23 -30.40
C MET A 80 8.53 -3.02 -29.97
N ARG A 81 7.48 -2.75 -30.74
CA ARG A 81 6.45 -1.76 -30.38
C ARG A 81 5.27 -2.44 -29.69
N PHE A 82 4.99 -2.01 -28.46
CA PHE A 82 3.78 -2.41 -27.74
C PHE A 82 2.62 -1.64 -28.32
N ARG A 83 1.75 -2.37 -28.99
CA ARG A 83 0.65 -1.78 -29.74
C ARG A 83 -0.34 -0.94 -28.93
N LYS A 84 -0.50 -1.28 -27.66
CA LYS A 84 -1.49 -0.64 -26.82
C LYS A 84 -1.06 0.77 -26.38
N THR A 85 0.24 1.02 -26.25
CA THR A 85 0.72 2.34 -25.88
C THR A 85 1.61 3.06 -26.87
N GLY A 86 2.14 2.33 -27.83
CA GLY A 86 3.14 2.84 -28.75
C GLY A 86 4.59 2.83 -28.25
N HIS A 87 4.85 2.38 -27.03
CA HIS A 87 6.22 2.39 -26.50
C HIS A 87 7.03 1.34 -27.22
N VAL A 88 8.26 1.70 -27.55
CA VAL A 88 9.19 0.81 -28.16
C VAL A 88 10.05 0.26 -27.02
N ILE A 89 10.18 -1.05 -26.97
CA ILE A 89 10.86 -1.70 -25.89
C ILE A 89 11.86 -2.76 -26.41
N ALA A 90 12.71 -3.24 -25.51
CA ALA A 90 13.63 -4.34 -25.78
C ALA A 90 13.02 -5.61 -25.23
N VAL A 91 13.06 -6.68 -26.02
CA VAL A 91 12.42 -7.95 -25.64
C VAL A 91 13.37 -9.12 -25.74
N LYS A 92 13.70 -9.68 -24.58
CA LYS A 92 14.55 -10.89 -24.51
C LYS A 92 13.66 -12.13 -24.59
N GLN A 93 14.15 -13.15 -25.28
CA GLN A 93 13.40 -14.38 -25.53
C GLN A 93 14.11 -15.57 -24.90
N MET A 94 13.48 -16.16 -23.87
CA MET A 94 13.98 -17.34 -23.21
C MET A 94 13.25 -18.58 -23.73
N ARG A 95 13.98 -19.51 -24.34
CA ARG A 95 13.38 -20.74 -24.91
C ARG A 95 13.33 -21.87 -23.90
N ARG A 96 12.23 -22.63 -23.89
CA ARG A 96 12.17 -23.90 -23.13
C ARG A 96 13.18 -24.92 -23.66
N SER A 97 13.31 -24.98 -24.99
CA SER A 97 14.28 -25.84 -25.65
C SER A 97 15.48 -25.04 -26.14
N GLY A 98 16.15 -24.34 -25.22
CA GLY A 98 17.32 -23.56 -25.54
C GLY A 98 18.49 -23.93 -24.66
N ASN A 99 19.64 -23.29 -24.95
CA ASN A 99 20.88 -23.53 -24.22
C ASN A 99 20.70 -23.36 -22.71
N LYS A 100 21.01 -24.40 -21.93
CA LYS A 100 20.80 -24.42 -20.48
C LYS A 100 21.67 -23.38 -19.72
N GLU A 101 22.92 -23.19 -20.15
CA GLU A 101 23.80 -22.20 -19.52
C GLU A 101 23.31 -20.78 -19.82
N GLU A 102 22.83 -20.58 -21.06
CA GLU A 102 22.34 -19.28 -21.53
C GLU A 102 21.04 -18.86 -20.83
N ASN A 103 20.12 -19.81 -20.65
CA ASN A 103 18.88 -19.58 -19.88
C ASN A 103 19.14 -19.27 -18.38
N LYS A 104 20.16 -19.91 -17.80
CA LYS A 104 20.64 -19.53 -16.46
C LYS A 104 21.11 -18.07 -16.37
N ARG A 105 21.87 -17.60 -17.37
CA ARG A 105 22.36 -16.22 -17.44
C ARG A 105 21.16 -15.25 -17.56
N ILE A 106 20.21 -15.58 -18.43
CA ILE A 106 19.04 -14.74 -18.64
C ILE A 106 18.19 -14.63 -17.34
N LEU A 107 17.98 -15.76 -16.64
CA LEU A 107 17.32 -15.73 -15.35
C LEU A 107 18.11 -14.93 -14.29
N MET A 108 19.44 -14.98 -14.33
CA MET A 108 20.29 -14.28 -13.36
C MET A 108 20.18 -12.80 -13.62
N ASP A 109 20.33 -12.40 -14.88
CA ASP A 109 20.16 -11.01 -15.31
C ASP A 109 18.74 -10.50 -14.91
N LEU A 110 17.70 -11.29 -15.17
CA LEU A 110 16.31 -10.90 -14.86
C LEU A 110 16.11 -10.71 -13.36
N ASP A 111 16.66 -11.64 -12.58
CA ASP A 111 16.52 -11.58 -11.14
C ASP A 111 17.18 -10.32 -10.56
N VAL A 112 18.36 -10.00 -11.01
CA VAL A 112 19.07 -8.84 -10.53
C VAL A 112 18.36 -7.52 -10.97
N VAL A 113 17.85 -7.49 -12.20
CA VAL A 113 17.10 -6.36 -12.70
C VAL A 113 15.87 -6.10 -11.83
N LEU A 114 15.13 -7.13 -11.50
CA LEU A 114 13.90 -6.92 -10.75
C LEU A 114 14.23 -6.43 -9.33
N LYS A 115 15.25 -7.01 -8.73
CA LYS A 115 15.70 -6.61 -7.39
C LYS A 115 16.24 -5.23 -7.35
N SER A 116 16.74 -4.75 -8.50
CA SER A 116 17.29 -3.44 -8.61
C SER A 116 16.29 -2.38 -9.13
N HIS A 117 15.03 -2.66 -9.09
CA HIS A 117 14.03 -1.76 -9.55
C HIS A 117 14.25 -0.27 -9.11
N ASP A 118 14.57 -0.08 -7.84
CA ASP A 118 14.63 1.24 -7.27
C ASP A 118 15.94 1.93 -7.54
N CYS A 119 16.95 1.23 -8.05
CA CYS A 119 18.17 1.92 -8.44
C CYS A 119 17.94 2.59 -9.79
N PRO A 120 18.11 3.91 -9.84
CA PRO A 120 17.84 4.61 -11.13
C PRO A 120 18.94 4.45 -12.17
N TYR A 121 20.08 3.89 -11.77
CA TYR A 121 21.20 3.70 -12.66
C TYR A 121 21.29 2.28 -13.22
N ILE A 122 20.22 1.50 -13.08
CA ILE A 122 20.13 0.18 -13.66
C ILE A 122 18.84 0.06 -14.47
N VAL A 123 18.93 -0.47 -15.68
CA VAL A 123 17.81 -0.63 -16.57
C VAL A 123 16.68 -1.33 -15.88
N GLN A 124 15.48 -1.02 -16.36
CA GLN A 124 14.25 -1.39 -15.77
C GLN A 124 13.62 -2.49 -16.62
N CYS A 125 12.89 -3.38 -15.96
CA CYS A 125 12.08 -4.41 -16.64
C CYS A 125 10.60 -4.04 -16.50
N PHE A 126 9.80 -4.11 -17.55
CA PHE A 126 8.37 -3.77 -17.47
C PHE A 126 7.51 -4.95 -17.16
N GLY A 127 8.06 -6.16 -17.24
CA GLY A 127 7.23 -7.38 -17.05
C GLY A 127 7.61 -8.53 -17.95
N THR A 128 6.90 -9.63 -17.77
CA THR A 128 7.14 -10.83 -18.55
C THR A 128 5.83 -11.34 -19.06
N PHE A 129 5.91 -12.23 -20.04
CA PHE A 129 4.75 -13.07 -20.40
C PHE A 129 5.21 -14.35 -21.08
N ILE A 130 4.36 -15.38 -21.03
CA ILE A 130 4.76 -16.75 -21.36
C ILE A 130 3.93 -17.37 -22.47
N THR A 131 4.57 -18.21 -23.27
CA THR A 131 3.91 -19.16 -24.18
C THR A 131 4.20 -20.57 -23.67
N ASN A 132 3.69 -21.58 -24.37
CA ASN A 132 4.06 -22.97 -24.07
C ASN A 132 5.55 -23.26 -24.21
N THR A 133 6.21 -22.57 -25.16
CA THR A 133 7.60 -22.85 -25.47
C THR A 133 8.59 -21.74 -25.05
N ASP A 134 8.10 -20.54 -24.71
CA ASP A 134 8.98 -19.36 -24.47
C ASP A 134 8.58 -18.49 -23.26
N VAL A 135 9.57 -17.77 -22.71
CA VAL A 135 9.35 -16.66 -21.76
C VAL A 135 9.92 -15.39 -22.39
N PHE A 136 9.04 -14.44 -22.68
CA PHE A 136 9.47 -13.14 -23.19
C PHE A 136 9.62 -12.13 -22.05
N ILE A 137 10.72 -11.39 -22.07
CA ILE A 137 11.06 -10.44 -21.04
C ILE A 137 11.12 -9.04 -21.64
N ALA A 138 10.26 -8.14 -21.15
CA ALA A 138 10.22 -6.73 -21.61
C ALA A 138 11.13 -5.80 -20.80
N MET A 139 12.10 -5.18 -21.48
CA MET A 139 13.07 -4.30 -20.88
C MET A 139 13.01 -2.88 -21.49
N GLU A 140 13.41 -1.91 -20.68
CA GLU A 140 13.59 -0.53 -21.09
C GLU A 140 14.55 -0.48 -22.28
N LEU A 141 14.10 0.07 -23.41
CA LEU A 141 14.97 0.28 -24.55
C LEU A 141 15.73 1.57 -24.28
N MET A 142 17.02 1.49 -24.36
CA MET A 142 17.84 2.69 -24.30
C MET A 142 18.21 3.08 -25.74
N GLY A 143 18.97 4.16 -25.87
CA GLY A 143 19.39 4.65 -27.17
C GLY A 143 20.53 3.84 -27.71
N THR A 144 21.67 3.83 -27.02
CA THR A 144 22.76 2.98 -27.42
C THR A 144 23.74 2.75 -26.27
N CYS A 145 24.79 1.99 -26.54
CA CYS A 145 25.84 1.78 -25.56
C CYS A 145 27.05 2.67 -25.80
N ALA A 146 27.91 2.79 -24.78
CA ALA A 146 29.09 3.63 -24.87
C ALA A 146 30.09 3.13 -25.89
N GLU A 147 30.12 1.83 -26.14
CA GLU A 147 30.98 1.31 -27.21
C GLU A 147 30.58 1.84 -28.58
N LYS A 148 29.29 1.81 -28.87
CA LYS A 148 28.80 2.35 -30.11
C LYS A 148 28.97 3.87 -30.23
N LEU A 149 28.85 4.60 -29.12
CA LEU A 149 29.09 6.04 -29.12
C LEU A 149 30.53 6.29 -29.47
N LYS A 150 31.44 5.53 -28.85
CA LYS A 150 32.86 5.63 -29.18
C LYS A 150 33.08 5.47 -30.70
N LYS A 151 32.48 4.47 -31.33
CA LYS A 151 32.60 4.29 -32.76
C LYS A 151 32.04 5.45 -33.58
N ARG A 152 30.91 5.99 -33.15
CA ARG A 152 30.25 7.09 -33.84
C ARG A 152 31.10 8.35 -33.72
N MET A 153 31.64 8.59 -32.53
CA MET A 153 32.49 9.76 -32.30
C MET A 153 33.78 9.70 -33.15
N GLN A 154 34.31 8.49 -33.36
CA GLN A 154 35.63 8.27 -33.93
C GLN A 154 36.64 9.07 -33.17
N GLY A 155 36.46 9.11 -31.86
CA GLY A 155 37.33 9.87 -31.02
C GLY A 155 36.74 9.96 -29.64
N PRO A 156 37.24 10.88 -28.84
CA PRO A 156 36.90 11.00 -27.44
C PRO A 156 35.43 11.33 -27.17
N ILE A 157 34.91 10.83 -26.07
CA ILE A 157 33.69 11.33 -25.47
C ILE A 157 34.10 12.41 -24.45
N PRO A 158 33.42 13.59 -24.46
CA PRO A 158 33.87 14.69 -23.58
C PRO A 158 33.85 14.34 -22.08
N GLU A 159 34.84 14.85 -21.37
CA GLU A 159 34.99 14.64 -19.95
C GLU A 159 33.68 14.88 -19.16
N ARG A 160 32.90 15.86 -19.55
CA ARG A 160 31.68 16.16 -18.85
C ARG A 160 30.64 15.03 -18.94
N ILE A 161 30.57 14.36 -20.11
CA ILE A 161 29.73 13.20 -20.27
C ILE A 161 30.29 12.03 -19.46
N LEU A 162 31.60 11.84 -19.52
CA LEU A 162 32.23 10.76 -18.76
C LEU A 162 32.09 10.94 -17.26
N GLY A 163 32.02 12.19 -16.82
CA GLY A 163 31.83 12.48 -15.40
C GLY A 163 30.47 12.04 -14.92
N LYS A 164 29.44 12.35 -15.69
CA LYS A 164 28.11 11.84 -15.35
C LYS A 164 28.03 10.35 -15.38
N MET A 165 28.67 9.77 -16.37
CA MET A 165 28.73 8.32 -16.54
C MET A 165 29.41 7.62 -15.37
N THR A 166 30.52 8.17 -14.92
CA THR A 166 31.24 7.62 -13.82
C THR A 166 30.35 7.61 -12.55
N VAL A 167 29.68 8.73 -12.28
CA VAL A 167 28.80 8.82 -11.15
C VAL A 167 27.77 7.71 -11.22
N ALA A 168 27.14 7.56 -12.39
CA ALA A 168 26.03 6.65 -12.52
C ALA A 168 26.48 5.19 -12.35
N ILE A 169 27.56 4.83 -13.02
CA ILE A 169 28.02 3.47 -13.04
C ILE A 169 28.61 3.08 -11.68
N VAL A 170 29.35 3.97 -11.05
CA VAL A 170 29.87 3.67 -9.73
C VAL A 170 28.73 3.49 -8.73
N LYS A 171 27.70 4.32 -8.80
CA LYS A 171 26.49 4.12 -7.96
C LYS A 171 25.71 2.84 -8.24
N ALA A 172 25.60 2.46 -9.50
CA ALA A 172 25.02 1.20 -9.84
C ALA A 172 25.80 0.01 -9.26
N LEU A 173 27.12 0.04 -9.40
CA LEU A 173 27.96 -1.06 -8.93
C LEU A 173 27.99 -1.16 -7.39
N TYR A 174 28.02 0.00 -6.74
CA TYR A 174 27.95 0.09 -5.31
C TYR A 174 26.62 -0.39 -4.79
N TYR A 175 25.54 -0.02 -5.51
CA TYR A 175 24.21 -0.48 -5.13
C TYR A 175 24.18 -2.02 -5.19
N LEU A 176 24.69 -2.61 -6.27
CA LEU A 176 24.65 -4.07 -6.41
C LEU A 176 25.42 -4.79 -5.32
N LYS A 177 26.60 -4.25 -5.00
CA LYS A 177 27.44 -4.77 -3.93
C LYS A 177 26.76 -4.65 -2.56
N GLU A 178 26.40 -3.43 -2.21
CA GLU A 178 25.95 -3.09 -0.87
C GLU A 178 24.56 -3.63 -0.55
N LYS A 179 23.66 -3.63 -1.50
CA LYS A 179 22.33 -4.09 -1.25
C LYS A 179 22.07 -5.54 -1.61
N HIS A 180 22.73 -6.06 -2.64
CA HIS A 180 22.49 -7.47 -3.04
C HIS A 180 23.72 -8.38 -2.99
N GLY A 181 24.87 -7.86 -2.56
CA GLY A 181 26.08 -8.66 -2.50
C GLY A 181 26.48 -9.18 -3.87
N VAL A 182 26.29 -8.37 -4.92
CA VAL A 182 26.53 -8.81 -6.28
C VAL A 182 27.74 -8.09 -6.87
N ILE A 183 28.57 -8.87 -7.55
CA ILE A 183 29.68 -8.35 -8.34
C ILE A 183 29.32 -8.53 -9.84
N HIS A 184 29.48 -7.47 -10.63
CA HIS A 184 28.98 -7.42 -12.01
C HIS A 184 29.82 -8.28 -12.94
N ARG A 185 31.14 -8.09 -12.86
CA ARG A 185 32.16 -8.93 -13.53
C ARG A 185 32.34 -8.71 -15.04
N ASP A 186 31.67 -7.71 -15.55
CA ASP A 186 31.74 -7.39 -16.95
C ASP A 186 31.57 -5.91 -17.23
N VAL A 187 32.25 -5.09 -16.47
CA VAL A 187 32.14 -3.66 -16.62
C VAL A 187 32.94 -3.27 -17.86
N LYS A 188 32.27 -2.75 -18.88
CA LYS A 188 32.93 -2.36 -20.10
C LYS A 188 31.97 -1.48 -20.85
N PRO A 189 32.45 -0.76 -21.89
CA PRO A 189 31.57 0.21 -22.53
C PRO A 189 30.29 -0.33 -23.15
N SER A 190 30.31 -1.55 -23.64
CA SER A 190 29.08 -2.12 -24.21
C SER A 190 27.97 -2.37 -23.17
N ASN A 191 28.29 -2.36 -21.89
CA ASN A 191 27.30 -2.48 -20.84
C ASN A 191 26.90 -1.16 -20.15
N ILE A 192 27.32 -0.03 -20.71
CA ILE A 192 26.95 1.26 -20.20
C ILE A 192 26.05 1.86 -21.27
N LEU A 193 24.80 2.14 -20.91
CA LEU A 193 23.81 2.60 -21.83
C LEU A 193 23.44 4.08 -21.61
N LEU A 194 23.10 4.75 -22.73
CA LEU A 194 22.61 6.12 -22.75
C LEU A 194 21.34 6.19 -23.54
N ASP A 195 20.47 7.15 -23.17
CA ASP A 195 19.27 7.44 -23.93
C ASP A 195 19.11 8.94 -24.20
N GLU A 196 18.09 9.27 -25.00
CA GLU A 196 17.80 10.64 -25.41
C GLU A 196 17.24 11.52 -24.30
N ARG A 197 16.85 10.94 -23.16
CA ARG A 197 16.56 11.72 -21.96
C ARG A 197 17.82 12.04 -21.11
N GLY A 198 19.01 11.67 -21.60
CA GLY A 198 20.23 11.87 -20.84
C GLY A 198 20.45 10.92 -19.65
N GLN A 199 19.75 9.84 -19.59
CA GLN A 199 20.01 8.87 -18.54
C GLN A 199 21.18 7.99 -18.91
N ILE A 200 21.91 7.55 -17.89
CA ILE A 200 23.03 6.62 -18.07
C ILE A 200 22.76 5.46 -17.14
N LYS A 201 22.73 4.25 -17.68
CA LYS A 201 22.45 3.08 -16.86
C LYS A 201 23.33 1.89 -17.19
N LEU A 202 23.47 1.04 -16.18
CA LEU A 202 24.27 -0.18 -16.29
C LEU A 202 23.34 -1.26 -16.71
N CYS A 203 23.84 -2.17 -17.51
CA CYS A 203 23.03 -3.32 -17.87
C CYS A 203 23.81 -4.63 -17.90
N ASP A 204 23.08 -5.69 -18.26
CA ASP A 204 23.60 -7.07 -18.46
C ASP A 204 24.34 -7.64 -17.24
N PHE A 205 23.57 -8.34 -16.38
CA PHE A 205 24.09 -8.96 -15.19
C PHE A 205 24.06 -10.43 -15.35
N GLY A 206 24.17 -10.88 -16.60
CA GLY A 206 24.00 -12.31 -16.91
C GLY A 206 25.15 -13.16 -16.37
N ILE A 207 26.33 -12.55 -16.22
CA ILE A 207 27.47 -13.22 -15.55
C ILE A 207 27.85 -12.61 -14.20
N SER A 208 26.92 -11.82 -13.63
CA SER A 208 27.08 -11.33 -12.27
C SER A 208 27.12 -12.52 -11.30
N GLY A 209 27.80 -12.31 -10.16
CA GLY A 209 27.87 -13.34 -9.11
C GLY A 209 27.50 -12.80 -7.74
N ARG A 210 26.90 -13.64 -6.90
CA ARG A 210 26.71 -13.34 -5.48
C ARG A 210 28.03 -13.53 -4.73
N LEU A 211 28.47 -12.50 -4.01
CA LEU A 211 29.68 -12.57 -3.20
C LEU A 211 29.47 -13.43 -1.93
N VAL A 212 30.48 -14.19 -1.57
CA VAL A 212 30.55 -14.88 -0.30
C VAL A 212 31.73 -14.28 0.45
N ASP A 213 31.46 -13.71 1.65
CA ASP A 213 32.46 -12.95 2.44
C ASP A 213 33.19 -11.87 1.61
N ASP A 214 32.42 -11.19 0.75
CA ASP A 214 32.92 -10.17 -0.20
C ASP A 214 33.86 -10.68 -1.31
N LYS A 215 33.84 -12.00 -1.56
CA LYS A 215 34.70 -12.65 -2.57
C LYS A 215 33.86 -13.39 -3.63
N ALA A 216 34.39 -13.45 -4.85
CA ALA A 216 33.82 -14.27 -5.94
C ALA A 216 34.89 -15.26 -6.40
N LYS A 217 34.44 -16.44 -6.83
CA LYS A 217 35.36 -17.54 -7.19
C LYS A 217 35.53 -17.78 -8.70
N ASP A 218 34.47 -17.53 -9.48
CA ASP A 218 34.42 -17.95 -10.88
C ASP A 218 35.47 -17.21 -11.73
N ARG A 219 36.51 -17.95 -12.14
CA ARG A 219 37.64 -17.37 -12.87
C ARG A 219 37.38 -17.18 -14.38
N SER A 220 36.38 -17.88 -14.93
CA SER A 220 35.98 -17.73 -16.34
C SER A 220 34.96 -16.58 -16.64
N ALA A 221 34.37 -16.00 -15.60
CA ALA A 221 33.32 -15.00 -15.75
C ALA A 221 33.93 -13.63 -16.10
N GLY A 222 33.86 -13.23 -17.36
CA GLY A 222 34.25 -11.87 -17.76
C GLY A 222 35.06 -11.80 -19.04
N CYS A 223 35.23 -10.58 -19.54
CA CYS A 223 35.91 -10.33 -20.81
C CYS A 223 37.38 -10.07 -20.52
N ALA A 224 38.25 -10.83 -21.20
CA ALA A 224 39.71 -10.84 -20.95
C ALA A 224 40.35 -9.45 -20.95
N ALA A 225 39.97 -8.62 -21.92
CA ALA A 225 40.63 -7.33 -22.13
C ALA A 225 40.51 -6.33 -20.96
N TYR A 226 39.43 -6.49 -20.17
CA TYR A 226 39.16 -5.61 -19.06
C TYR A 226 39.45 -6.27 -17.73
N MET A 227 40.18 -7.38 -17.74
CA MET A 227 40.52 -8.06 -16.50
C MET A 227 41.67 -7.44 -15.71
N ALA A 228 41.46 -7.38 -14.41
CA ALA A 228 42.42 -6.81 -13.50
C ALA A 228 43.61 -7.80 -13.36
N PRO A 229 44.81 -7.31 -13.02
CA PRO A 229 45.98 -8.16 -12.83
C PRO A 229 45.76 -9.33 -11.89
N GLU A 230 45.11 -9.12 -10.77
CA GLU A 230 44.87 -10.16 -9.79
C GLU A 230 43.92 -11.24 -10.27
N ARG A 231 43.06 -10.94 -11.27
CA ARG A 231 42.21 -11.96 -11.92
C ARG A 231 42.96 -12.74 -12.99
N ILE A 232 43.88 -12.07 -13.68
CA ILE A 232 44.73 -12.77 -14.65
C ILE A 232 45.66 -13.71 -13.94
N ASP A 233 46.27 -13.23 -12.84
CA ASP A 233 47.36 -13.98 -12.16
C ASP A 233 47.31 -13.75 -10.65
N PRO A 234 46.50 -14.51 -9.94
CA PRO A 234 46.29 -14.26 -8.51
C PRO A 234 47.62 -14.22 -7.76
N PRO A 235 47.86 -13.16 -6.94
CA PRO A 235 49.12 -13.03 -6.18
C PRO A 235 49.37 -14.21 -5.19
N ASP A 236 48.28 -14.69 -4.57
CA ASP A 236 48.30 -15.91 -3.75
C ASP A 236 47.49 -17.16 -4.37
N PRO A 237 48.23 -18.07 -5.04
CA PRO A 237 47.58 -19.18 -5.77
C PRO A 237 46.69 -20.12 -4.89
N THR A 238 46.98 -20.12 -3.58
CA THR A 238 46.10 -20.71 -2.60
C THR A 238 44.82 -19.94 -2.27
N LYS A 239 44.77 -18.63 -2.49
CA LYS A 239 43.56 -17.81 -2.33
C LYS A 239 43.30 -17.01 -3.60
N PRO A 240 42.85 -17.71 -4.66
CA PRO A 240 42.73 -17.04 -5.98
C PRO A 240 41.54 -16.10 -6.15
N ASP A 241 40.67 -15.98 -5.16
CA ASP A 241 39.37 -15.32 -5.35
C ASP A 241 39.61 -13.80 -5.42
N TYR A 242 38.67 -13.10 -5.99
CA TYR A 242 38.76 -11.66 -6.30
C TYR A 242 37.49 -11.01 -5.78
N ASP A 243 37.44 -9.69 -5.84
CA ASP A 243 36.34 -8.96 -5.27
C ASP A 243 36.03 -7.81 -6.19
N ILE A 244 35.20 -6.89 -5.72
CA ILE A 244 34.75 -5.76 -6.56
C ILE A 244 35.89 -4.86 -7.07
N ARG A 245 37.04 -4.90 -6.41
CA ARG A 245 38.16 -4.12 -6.88
C ARG A 245 38.57 -4.53 -8.30
N ALA A 246 38.32 -5.78 -8.68
CA ALA A 246 38.53 -6.19 -10.03
C ALA A 246 37.66 -5.40 -11.01
N ASP A 247 36.39 -5.17 -10.67
CA ASP A 247 35.51 -4.32 -11.48
C ASP A 247 35.96 -2.86 -11.49
N VAL A 248 36.59 -2.40 -10.42
CA VAL A 248 37.09 -1.02 -10.36
C VAL A 248 38.18 -0.85 -11.41
N TRP A 249 39.06 -1.82 -11.55
CA TRP A 249 40.03 -1.78 -12.63
C TRP A 249 39.32 -1.69 -13.99
N SER A 250 38.33 -2.55 -14.23
CA SER A 250 37.63 -2.56 -15.54
C SER A 250 37.00 -1.21 -15.85
N LEU A 251 36.49 -0.56 -14.82
CA LEU A 251 35.96 0.81 -14.95
C LEU A 251 37.02 1.76 -15.39
N GLY A 252 38.20 1.66 -14.78
CA GLY A 252 39.34 2.53 -15.16
C GLY A 252 39.75 2.39 -16.60
N ILE A 253 39.87 1.16 -17.06
CA ILE A 253 40.21 0.85 -18.46
C ILE A 253 39.13 1.42 -19.38
N SER A 254 37.88 1.24 -19.01
CA SER A 254 36.76 1.75 -19.81
C SER A 254 36.85 3.28 -19.93
N LEU A 255 37.23 3.94 -18.87
CA LEU A 255 37.28 5.42 -18.86
C LEU A 255 38.42 5.96 -19.75
N VAL A 256 39.57 5.29 -19.71
CA VAL A 256 40.69 5.64 -20.56
C VAL A 256 40.28 5.39 -22.00
N GLU A 257 39.64 4.28 -22.26
CA GLU A 257 39.17 3.99 -23.62
C GLU A 257 38.20 5.06 -24.17
N LEU A 258 37.20 5.39 -23.38
CA LEU A 258 36.19 6.36 -23.82
C LEU A 258 36.73 7.79 -23.85
N ALA A 259 37.67 8.10 -22.97
CA ALA A 259 38.23 9.47 -22.91
C ALA A 259 39.20 9.75 -24.04
N THR A 260 39.87 8.71 -24.54
CA THR A 260 40.83 8.86 -25.62
C THR A 260 40.28 8.39 -26.96
N GLY A 261 39.15 7.68 -26.98
CA GLY A 261 38.68 7.10 -28.22
C GLY A 261 39.37 5.79 -28.65
N GLN A 262 40.32 5.30 -27.88
CA GLN A 262 40.92 4.02 -28.13
CA GLN A 262 40.82 3.95 -28.11
C GLN A 262 41.12 3.10 -26.92
N PHE A 263 40.80 1.84 -27.10
CA PHE A 263 41.14 0.83 -26.11
C PHE A 263 42.66 0.90 -25.89
N PRO A 264 43.11 1.02 -24.65
CA PRO A 264 44.54 1.23 -24.38
C PRO A 264 45.46 0.15 -24.96
N TYR A 265 44.96 -1.07 -25.12
CA TYR A 265 45.80 -2.14 -25.64
C TYR A 265 45.40 -2.57 -27.05
N LYS A 266 44.78 -1.66 -27.77
CA LYS A 266 44.34 -1.91 -29.16
C LYS A 266 45.43 -2.42 -30.10
N ASN A 267 46.68 -2.00 -29.97
CA ASN A 267 47.69 -2.49 -30.88
C ASN A 267 48.30 -3.83 -30.53
N CYS A 268 47.90 -4.43 -29.41
CA CYS A 268 48.23 -5.82 -29.15
C CYS A 268 47.57 -6.70 -30.21
N LYS A 269 48.31 -7.68 -30.68
CA LYS A 269 47.82 -8.54 -31.73
C LYS A 269 46.96 -9.71 -31.23
N THR A 270 46.96 -10.00 -29.93
CA THR A 270 46.13 -11.10 -29.32
C THR A 270 45.77 -10.78 -27.93
N ASP A 271 44.73 -11.45 -27.44
CA ASP A 271 44.33 -11.39 -26.02
C ASP A 271 45.50 -11.76 -25.06
N PHE A 272 46.28 -12.77 -25.42
CA PHE A 272 47.45 -13.22 -24.61
C PHE A 272 48.50 -12.16 -24.48
N GLU A 273 48.74 -11.42 -25.57
CA GLU A 273 49.56 -10.21 -25.51
C GLU A 273 48.95 -9.11 -24.61
N VAL A 274 47.65 -8.82 -24.72
CA VAL A 274 47.01 -7.77 -23.86
C VAL A 274 47.29 -8.11 -22.37
N LEU A 275 47.02 -9.35 -21.99
CA LEU A 275 47.09 -9.75 -20.62
C LEU A 275 48.55 -9.70 -20.16
N THR A 276 49.49 -10.08 -21.02
CA THR A 276 50.86 -10.05 -20.67
C THR A 276 51.28 -8.63 -20.33
N LYS A 277 50.77 -7.63 -21.08
CA LYS A 277 51.09 -6.21 -20.78
C LYS A 277 50.46 -5.71 -19.52
N VAL A 278 49.23 -6.14 -19.26
CA VAL A 278 48.55 -5.75 -18.02
C VAL A 278 49.41 -6.22 -16.86
N LEU A 279 49.95 -7.45 -16.93
CA LEU A 279 50.80 -7.93 -15.91
C LEU A 279 52.14 -7.17 -15.88
N GLN A 280 52.79 -7.00 -17.01
CA GLN A 280 54.22 -6.68 -16.99
C GLN A 280 54.47 -5.19 -17.03
N GLU A 281 53.55 -4.39 -17.53
CA GLU A 281 53.83 -2.99 -17.75
C GLU A 281 53.07 -2.14 -16.77
N GLU A 282 53.41 -0.89 -16.72
CA GLU A 282 52.66 0.07 -15.95
C GLU A 282 51.23 0.19 -16.46
N PRO A 283 50.30 0.56 -15.58
CA PRO A 283 48.92 0.70 -16.00
C PRO A 283 48.74 1.89 -16.97
N PRO A 284 47.73 1.85 -17.83
CA PRO A 284 47.43 3.04 -18.64
C PRO A 284 46.94 4.21 -17.75
N LEU A 285 47.20 5.41 -18.21
CA LEU A 285 46.74 6.59 -17.55
C LEU A 285 46.09 7.43 -18.63
N LEU A 286 45.29 8.40 -18.23
CA LEU A 286 44.94 9.47 -19.16
C LEU A 286 46.22 10.25 -19.58
N PRO A 287 46.38 10.51 -20.88
CA PRO A 287 47.62 11.16 -21.33
C PRO A 287 47.59 12.65 -20.97
N GLY A 288 48.68 13.13 -20.36
CA GLY A 288 48.69 14.44 -19.74
C GLY A 288 48.62 15.59 -20.73
N HIS A 289 49.12 15.36 -21.94
CA HIS A 289 49.17 16.39 -22.98
C HIS A 289 47.77 16.81 -23.51
N MET A 290 46.75 16.00 -23.29
CA MET A 290 45.37 16.30 -23.74
CA MET A 290 45.44 16.43 -23.78
C MET A 290 44.68 17.31 -22.78
N GLY A 291 45.22 17.47 -21.57
CA GLY A 291 44.70 18.45 -20.59
C GLY A 291 43.46 18.03 -19.78
N PHE A 292 43.23 16.76 -19.62
CA PHE A 292 42.13 16.30 -18.75
C PHE A 292 42.29 16.93 -17.35
N SER A 293 41.20 17.23 -16.70
CA SER A 293 41.28 17.84 -15.38
C SER A 293 41.98 16.92 -14.37
N GLY A 294 42.67 17.54 -13.41
CA GLY A 294 43.42 16.86 -12.36
C GLY A 294 42.64 15.79 -11.66
N ASP A 295 41.40 16.10 -11.32
CA ASP A 295 40.57 15.16 -10.58
C ASP A 295 40.14 13.94 -11.42
N PHE A 296 39.93 14.10 -12.71
CA PHE A 296 39.69 12.96 -13.61
C PHE A 296 40.96 12.07 -13.72
N GLN A 297 42.11 12.71 -13.88
CA GLN A 297 43.38 11.96 -13.98
C GLN A 297 43.64 11.17 -12.71
N SER A 298 43.41 11.81 -11.56
CA SER A 298 43.50 11.16 -10.27
C SER A 298 42.57 9.98 -10.14
N PHE A 299 41.33 10.13 -10.54
CA PHE A 299 40.32 9.08 -10.41
C PHE A 299 40.69 7.82 -11.19
N VAL A 300 41.10 8.03 -12.43
CA VAL A 300 41.52 6.94 -13.31
C VAL A 300 42.75 6.26 -12.75
N LYS A 301 43.69 7.07 -12.29
CA LYS A 301 44.91 6.52 -11.76
C LYS A 301 44.63 5.67 -10.51
N ASP A 302 43.70 6.12 -9.68
CA ASP A 302 43.29 5.34 -8.51
C ASP A 302 42.61 3.97 -8.94
N CYS A 303 41.68 4.04 -9.88
CA CYS A 303 41.02 2.84 -10.45
C CYS A 303 42.02 1.86 -11.05
N LEU A 304 43.07 2.41 -11.70
CA LEU A 304 44.11 1.57 -12.30
C LEU A 304 45.38 1.39 -11.40
N THR A 305 45.18 1.22 -10.12
CA THR A 305 46.23 0.79 -9.23
C THR A 305 46.41 -0.71 -9.46
N LYS A 306 47.62 -1.11 -9.84
CA LYS A 306 47.94 -2.53 -10.09
C LYS A 306 47.80 -3.47 -8.91
N ASP A 307 48.37 -3.07 -7.79
CA ASP A 307 48.22 -3.80 -6.55
C ASP A 307 46.78 -3.62 -6.03
N HIS A 308 46.00 -4.67 -6.11
CA HIS A 308 44.61 -4.66 -5.72
C HIS A 308 44.39 -4.32 -4.23
N ARG A 309 45.36 -4.58 -3.38
CA ARG A 309 45.24 -4.24 -1.96
C ARG A 309 45.23 -2.72 -1.73
N LYS A 310 45.82 -1.96 -2.64
CA LYS A 310 45.79 -0.50 -2.60
C LYS A 310 44.73 0.14 -3.49
N ARG A 311 43.97 -0.66 -4.24
CA ARG A 311 42.97 -0.12 -5.15
C ARG A 311 41.68 0.16 -4.38
N PRO A 312 41.11 1.33 -4.55
CA PRO A 312 39.93 1.66 -3.74
C PRO A 312 38.70 0.80 -4.08
N LYS A 313 37.84 0.59 -3.09
CA LYS A 313 36.51 0.09 -3.29
C LYS A 313 35.55 1.23 -3.70
N TYR A 314 34.31 0.87 -4.03
CA TYR A 314 33.31 1.85 -4.45
C TYR A 314 33.00 2.91 -3.42
N ASN A 315 32.90 2.52 -2.15
CA ASN A 315 32.61 3.49 -1.10
C ASN A 315 33.70 4.58 -0.97
N LYS A 316 34.95 4.22 -1.22
CA LYS A 316 36.04 5.17 -1.29
C LYS A 316 35.99 5.99 -2.63
N LEU A 317 35.68 5.34 -3.78
CA LEU A 317 35.55 6.09 -5.04
C LEU A 317 34.45 7.18 -5.00
N LEU A 318 33.36 6.91 -4.28
CA LEU A 318 32.27 7.85 -4.12
C LEU A 318 32.64 9.11 -3.28
N GLU A 319 33.75 9.06 -2.55
CA GLU A 319 34.28 10.23 -1.86
C GLU A 319 35.25 11.04 -2.71
N HIS A 320 35.58 10.55 -3.90
CA HIS A 320 36.58 11.18 -4.75
C HIS A 320 36.04 12.51 -5.33
N SER A 321 36.91 13.51 -5.41
CA SER A 321 36.44 14.85 -5.81
C SER A 321 35.87 14.85 -7.26
N PHE A 322 36.38 13.98 -8.14
CA PHE A 322 35.79 13.79 -9.50
C PHE A 322 34.30 13.47 -9.40
N ILE A 323 33.96 12.51 -8.56
CA ILE A 323 32.57 12.17 -8.34
C ILE A 323 31.78 13.27 -7.68
N LYS A 324 32.33 13.90 -6.65
CA LYS A 324 31.63 14.96 -5.97
C LYS A 324 31.33 16.14 -6.92
N ARG A 325 32.29 16.50 -7.77
CA ARG A 325 32.09 17.55 -8.76
C ARG A 325 30.94 17.23 -9.72
N TYR A 326 30.82 16.00 -10.18
CA TYR A 326 29.80 15.66 -11.17
C TYR A 326 28.46 15.28 -10.61
N GLU A 327 28.40 14.88 -9.35
CA GLU A 327 27.10 14.64 -8.71
C GLU A 327 26.20 15.85 -8.78
N THR A 328 26.77 17.00 -8.50
CA THR A 328 25.99 18.21 -8.41
C THR A 328 25.96 19.01 -9.73
N LEU A 329 26.81 18.69 -10.70
CA LEU A 329 26.94 19.52 -11.87
C LEU A 329 25.80 19.25 -12.87
N GLU A 330 25.20 20.35 -13.35
CA GLU A 330 24.22 20.30 -14.41
C GLU A 330 24.95 20.06 -15.74
N VAL A 331 24.73 18.90 -16.33
CA VAL A 331 25.34 18.58 -17.60
C VAL A 331 24.23 18.15 -18.49
N ASP A 332 24.17 18.73 -19.68
CA ASP A 332 23.11 18.40 -20.65
C ASP A 332 23.57 17.18 -21.52
N VAL A 333 23.47 15.99 -20.92
CA VAL A 333 23.81 14.76 -21.55
C VAL A 333 22.84 14.48 -22.69
N ALA A 334 21.56 14.76 -22.46
CA ALA A 334 20.50 14.57 -23.44
C ALA A 334 20.74 15.28 -24.77
N SER A 335 21.08 16.55 -24.71
CA SER A 335 21.35 17.31 -25.94
C SER A 335 22.59 16.78 -26.64
N TRP A 336 23.63 16.57 -25.88
CA TRP A 336 24.85 15.97 -26.44
C TRP A 336 24.55 14.64 -27.15
N PHE A 337 23.82 13.74 -26.48
CA PHE A 337 23.41 12.45 -27.05
C PHE A 337 22.64 12.60 -28.34
N LYS A 338 21.61 13.42 -28.32
CA LYS A 338 20.81 13.63 -29.52
C LYS A 338 21.64 14.17 -30.70
N ASP A 339 22.53 15.11 -30.40
CA ASP A 339 23.39 15.73 -31.40
CA ASP A 339 23.38 15.71 -31.41
C ASP A 339 24.29 14.67 -32.04
N VAL A 340 24.93 13.85 -31.21
CA VAL A 340 25.80 12.80 -31.72
C VAL A 340 25.03 11.83 -32.61
N MET A 341 23.87 11.38 -32.13
CA MET A 341 23.05 10.42 -32.87
C MET A 341 22.52 10.99 -34.19
N ALA A 342 22.20 12.28 -34.19
CA ALA A 342 21.80 12.99 -35.41
C ALA A 342 22.95 13.15 -36.41
N LYS A 343 24.15 13.45 -35.93
CA LYS A 343 25.28 13.79 -36.83
C LYS A 343 26.08 12.59 -37.38
N THR A 344 26.01 11.43 -36.74
CA THR A 344 26.82 10.27 -37.12
C THR A 344 25.96 9.15 -37.69
N GLU A 345 26.59 8.23 -38.41
CA GLU A 345 25.88 7.05 -38.92
C GLU A 345 25.98 5.89 -37.91
N SER A 346 25.06 4.92 -38.00
CA SER A 346 25.18 3.66 -37.25
C SER A 346 26.50 2.97 -37.58
N PRO A 347 27.26 2.53 -36.55
CA PRO A 347 28.65 2.06 -36.78
C PRO A 347 28.78 0.89 -37.76
N ASP B 36 -5.01 -8.36 32.06
CA ASP B 36 -5.51 -8.14 33.46
C ASP B 36 -4.48 -7.47 34.39
N GLN B 37 -3.18 -7.74 34.19
CA GLN B 37 -2.11 -7.07 34.95
C GLN B 37 -2.12 -5.55 34.78
N LYS B 38 -2.20 -5.08 33.53
CA LYS B 38 -2.34 -3.65 33.23
C LYS B 38 -3.65 -3.06 33.75
N LEU B 39 -4.75 -3.81 33.58
CA LEU B 39 -6.07 -3.40 34.08
C LEU B 39 -6.07 -3.19 35.60
N GLN B 40 -5.47 -4.13 36.34
CA GLN B 40 -5.29 -3.99 37.78
C GLN B 40 -4.49 -2.75 38.17
N GLU B 41 -3.31 -2.61 37.57
CA GLU B 41 -2.46 -1.42 37.76
C GLU B 41 -3.19 -0.09 37.59
N ILE B 42 -4.07 -0.02 36.58
CA ILE B 42 -4.91 1.17 36.31
C ILE B 42 -6.08 1.34 37.31
N MET B 43 -6.76 0.24 37.65
CA MET B 43 -7.84 0.28 38.67
C MET B 43 -7.37 0.66 40.08
N LYS B 44 -6.12 0.35 40.41
CA LYS B 44 -5.49 0.82 41.65
C LYS B 44 -5.40 2.35 41.76
N GLN B 45 -5.27 3.06 40.63
CA GLN B 45 -5.18 4.53 40.61
C GLN B 45 -6.51 5.22 40.23
N THR B 46 -7.63 4.48 40.21
CA THR B 46 -8.91 5.00 39.72
C THR B 46 -9.65 5.86 40.78
N GLY B 47 -10.65 6.61 40.34
CA GLY B 47 -11.46 7.45 41.23
C GLY B 47 -10.96 8.89 41.44
N TYR B 48 -9.97 9.32 40.65
CA TYR B 48 -9.48 10.71 40.76
C TYR B 48 -8.90 11.27 39.45
N LEU B 49 -9.00 12.60 39.30
CA LEU B 49 -8.45 13.34 38.17
C LEU B 49 -7.32 14.22 38.65
N THR B 50 -6.18 14.13 37.98
CA THR B 50 -5.07 15.03 38.22
C THR B 50 -5.08 16.04 37.07
N ILE B 51 -5.46 17.27 37.40
CA ILE B 51 -5.64 18.33 36.43
C ILE B 51 -5.29 19.70 37.03
N GLY B 52 -4.42 20.43 36.34
CA GLY B 52 -3.93 21.73 36.84
C GLY B 52 -3.02 21.61 38.03
N GLY B 53 -2.23 20.54 38.10
CA GLY B 53 -1.33 20.29 39.23
C GLY B 53 -1.99 19.93 40.55
N GLN B 54 -3.24 19.46 40.51
CA GLN B 54 -4.03 19.14 41.71
C GLN B 54 -4.82 17.84 41.50
N ARG B 55 -4.88 17.02 42.54
CA ARG B 55 -5.60 15.74 42.51
C ARG B 55 -6.99 15.95 43.10
N TYR B 56 -8.03 15.57 42.36
CA TYR B 56 -9.41 15.66 42.84
C TYR B 56 -10.10 14.31 42.80
N GLN B 57 -10.83 13.97 43.86
CA GLN B 57 -11.71 12.80 43.84
C GLN B 57 -12.79 13.02 42.76
N ALA B 58 -13.15 11.96 42.02
CA ALA B 58 -14.02 12.11 40.84
C ALA B 58 -15.01 10.97 40.64
N GLU B 59 -16.26 11.35 40.38
CA GLU B 59 -17.33 10.41 39.99
C GLU B 59 -18.03 10.94 38.75
N ILE B 60 -18.80 10.07 38.09
CA ILE B 60 -19.61 10.47 36.91
C ILE B 60 -20.48 11.73 37.15
N ASN B 61 -21.01 11.90 38.37
CA ASN B 61 -21.87 13.07 38.70
C ASN B 61 -21.15 14.39 38.75
N ASP B 62 -19.82 14.33 38.92
CA ASP B 62 -18.98 15.52 38.85
C ASP B 62 -18.77 16.03 37.43
N LEU B 63 -19.30 15.31 36.43
CA LEU B 63 -19.09 15.60 35.02
C LEU B 63 -20.39 15.91 34.31
N GLU B 64 -20.50 17.14 33.82
CA GLU B 64 -21.61 17.59 33.01
C GLU B 64 -21.35 17.19 31.55
N ASN B 65 -22.29 16.44 30.95
CA ASN B 65 -22.17 16.02 29.55
C ASN B 65 -22.47 17.19 28.62
N LEU B 66 -21.65 17.34 27.57
CA LEU B 66 -21.88 18.38 26.55
C LEU B 66 -21.98 17.81 25.11
N GLY B 67 -22.21 16.50 24.97
CA GLY B 67 -22.45 15.88 23.66
C GLY B 67 -21.26 15.09 23.12
N GLU B 68 -21.54 14.17 22.20
CA GLU B 68 -20.50 13.31 21.62
C GLU B 68 -19.63 14.09 20.61
N MET B 69 -18.48 13.53 20.27
CA MET B 69 -17.64 14.00 19.16
C MET B 69 -17.31 12.82 18.22
N GLY B 70 -17.98 12.77 17.06
CA GLY B 70 -17.89 11.64 16.14
C GLY B 70 -16.57 11.56 15.39
N GLN B 76 -17.17 5.41 21.86
CA GLN B 76 -17.81 6.69 22.10
C GLN B 76 -16.89 7.67 22.87
N VAL B 77 -16.75 8.90 22.36
CA VAL B 77 -16.01 9.97 23.06
C VAL B 77 -16.94 11.16 23.36
N TRP B 78 -17.07 11.50 24.64
CA TRP B 78 -17.94 12.59 25.08
C TRP B 78 -17.12 13.79 25.53
N LYS B 79 -17.60 14.98 25.18
CA LYS B 79 -17.02 16.24 25.67
C LYS B 79 -17.74 16.59 26.98
N MET B 80 -17.00 16.70 28.08
CA MET B 80 -17.60 16.91 29.40
C MET B 80 -16.93 18.02 30.22
N ARG B 81 -17.74 18.76 31.01
CA ARG B 81 -17.24 19.77 31.99
C ARG B 81 -17.10 19.18 33.38
N PHE B 82 -15.88 19.21 33.92
CA PHE B 82 -15.62 18.83 35.30
C PHE B 82 -16.05 19.97 36.21
N ARG B 83 -17.12 19.71 36.96
CA ARG B 83 -17.82 20.75 37.74
C ARG B 83 -16.97 21.41 38.84
N LYS B 84 -15.98 20.69 39.35
CA LYS B 84 -15.13 21.21 40.41
C LYS B 84 -14.13 22.26 39.94
N THR B 85 -13.65 22.16 38.69
CA THR B 85 -12.69 23.14 38.18
C THR B 85 -13.17 23.96 36.99
N GLY B 86 -14.25 23.53 36.33
CA GLY B 86 -14.66 24.12 35.05
C GLY B 86 -13.89 23.70 33.80
N HIS B 87 -12.90 22.82 33.92
CA HIS B 87 -12.19 22.32 32.75
C HIS B 87 -13.12 21.45 31.90
N VAL B 88 -12.99 21.63 30.58
CA VAL B 88 -13.69 20.80 29.63
C VAL B 88 -12.73 19.74 29.17
N ILE B 89 -13.17 18.49 29.18
CA ILE B 89 -12.30 17.37 28.88
C ILE B 89 -12.96 16.38 27.90
N ALA B 90 -12.14 15.47 27.38
CA ALA B 90 -12.61 14.38 26.54
C ALA B 90 -12.74 13.14 27.41
N VAL B 91 -13.84 12.41 27.26
CA VAL B 91 -14.11 11.23 28.08
C VAL B 91 -14.41 10.01 27.20
N LYS B 92 -13.48 9.05 27.20
CA LYS B 92 -13.65 7.77 26.50
C LYS B 92 -14.37 6.78 27.40
N GLN B 93 -15.21 5.95 26.79
CA GLN B 93 -16.02 4.95 27.48
C GLN B 93 -15.62 3.53 27.05
N MET B 94 -15.03 2.76 27.96
CA MET B 94 -14.70 1.34 27.72
C MET B 94 -15.80 0.48 28.36
N ARG B 95 -16.45 -0.34 27.56
CA ARG B 95 -17.51 -1.23 28.05
C ARG B 95 -16.97 -2.57 28.52
N ARG B 96 -17.48 -3.08 29.64
CA ARG B 96 -17.20 -4.46 30.06
C ARG B 96 -17.77 -5.48 29.05
N SER B 97 -18.97 -5.20 28.52
CA SER B 97 -19.61 -6.03 27.47
C SER B 97 -19.50 -5.33 26.09
N GLY B 98 -18.26 -5.05 25.67
CA GLY B 98 -17.96 -4.44 24.36
C GLY B 98 -16.96 -5.28 23.59
N ASN B 99 -16.68 -4.86 22.34
CA ASN B 99 -15.76 -5.58 21.43
C ASN B 99 -14.39 -5.87 22.06
N LYS B 100 -13.98 -7.14 22.09
CA LYS B 100 -12.75 -7.58 22.76
C LYS B 100 -11.47 -7.02 22.14
N GLU B 101 -11.42 -6.96 20.81
CA GLU B 101 -10.26 -6.40 20.10
C GLU B 101 -10.15 -4.88 20.32
N GLU B 102 -11.31 -4.21 20.33
CA GLU B 102 -11.39 -2.76 20.53
C GLU B 102 -10.99 -2.35 21.96
N ASN B 103 -11.45 -3.10 22.95
CA ASN B 103 -11.05 -2.86 24.35
C ASN B 103 -9.54 -3.09 24.57
N LYS B 104 -8.95 -4.07 23.89
CA LYS B 104 -7.49 -4.26 23.89
C LYS B 104 -6.72 -3.05 23.34
N ARG B 105 -7.23 -2.43 22.28
CA ARG B 105 -6.65 -1.20 21.71
C ARG B 105 -6.78 -0.03 22.68
N ILE B 106 -7.95 0.11 23.31
CA ILE B 106 -8.19 1.17 24.30
C ILE B 106 -7.24 1.02 25.50
N LEU B 107 -7.07 -0.20 26.00
CA LEU B 107 -6.12 -0.44 27.09
C LEU B 107 -4.65 -0.20 26.68
N MET B 108 -4.31 -0.50 25.42
CA MET B 108 -2.94 -0.28 24.92
C MET B 108 -2.64 1.20 24.76
N ASP B 109 -3.59 1.93 24.15
CA ASP B 109 -3.52 3.38 24.08
C ASP B 109 -3.47 4.03 25.50
N LEU B 110 -4.31 3.58 26.44
CA LEU B 110 -4.31 4.11 27.81
C LEU B 110 -2.99 3.86 28.52
N ASP B 111 -2.45 2.65 28.37
CA ASP B 111 -1.18 2.30 29.00
C ASP B 111 -0.04 3.19 28.52
N VAL B 112 0.04 3.41 27.21
CA VAL B 112 1.09 4.25 26.65
C VAL B 112 0.93 5.73 27.07
N VAL B 113 -0.32 6.22 27.11
CA VAL B 113 -0.61 7.58 27.54
C VAL B 113 -0.15 7.80 28.98
N LEU B 114 -0.44 6.86 29.87
CA LEU B 114 -0.06 7.01 31.28
C LEU B 114 1.45 6.94 31.48
N LYS B 115 2.11 6.03 30.77
CA LYS B 115 3.59 5.96 30.75
C LYS B 115 4.26 7.21 30.15
N SER B 116 3.56 7.92 29.28
CA SER B 116 4.09 9.12 28.60
C SER B 116 3.74 10.43 29.31
N HIS B 117 3.33 10.36 30.57
CA HIS B 117 2.98 11.57 31.34
C HIS B 117 3.98 12.75 31.17
N ASP B 118 5.28 12.46 31.14
CA ASP B 118 6.33 13.48 31.14
C ASP B 118 6.68 14.00 29.76
N CYS B 119 6.14 13.40 28.70
CA CYS B 119 6.34 13.95 27.37
C CYS B 119 5.28 15.02 27.08
N PRO B 120 5.72 16.27 26.80
CA PRO B 120 4.74 17.33 26.53
C PRO B 120 4.11 17.26 25.12
N TYR B 121 4.63 16.41 24.24
CA TYR B 121 4.09 16.27 22.88
C TYR B 121 3.13 15.09 22.72
N ILE B 122 2.70 14.50 23.83
CA ILE B 122 1.73 13.41 23.81
C ILE B 122 0.57 13.81 24.72
N VAL B 123 -0.65 13.65 24.21
CA VAL B 123 -1.84 13.96 24.99
C VAL B 123 -1.84 13.28 26.35
N GLN B 124 -2.49 13.95 27.26
CA GLN B 124 -2.39 13.65 28.65
C GLN B 124 -3.70 12.97 29.02
N CYS B 125 -3.63 12.04 29.97
CA CYS B 125 -4.79 11.45 30.57
C CYS B 125 -4.83 11.93 31.99
N PHE B 126 -5.99 12.41 32.41
CA PHE B 126 -6.10 12.99 33.73
C PHE B 126 -6.47 11.95 34.79
N GLY B 127 -6.89 10.76 34.37
CA GLY B 127 -7.34 9.74 35.30
C GLY B 127 -8.50 8.92 34.77
N THR B 128 -8.93 7.99 35.59
CA THR B 128 -10.04 7.11 35.24
C THR B 128 -10.98 7.06 36.39
N PHE B 129 -12.19 6.56 36.12
CA PHE B 129 -13.09 6.13 37.17
C PHE B 129 -14.06 5.05 36.60
N ILE B 130 -14.60 4.22 37.49
CA ILE B 130 -15.27 2.97 37.08
C ILE B 130 -16.72 2.86 37.57
N THR B 131 -17.55 2.16 36.77
CA THR B 131 -18.85 1.64 37.20
C THR B 131 -18.77 0.12 37.18
N ASN B 132 -19.87 -0.56 37.53
CA ASN B 132 -19.94 -2.01 37.35
C ASN B 132 -19.77 -2.46 35.89
N THR B 133 -20.25 -1.66 34.94
CA THR B 133 -20.28 -2.05 33.54
C THR B 133 -19.28 -1.29 32.63
N ASP B 134 -18.71 -0.17 33.13
CA ASP B 134 -17.87 0.72 32.29
C ASP B 134 -16.60 1.24 32.97
N VAL B 135 -15.61 1.58 32.15
CA VAL B 135 -14.44 2.35 32.58
C VAL B 135 -14.45 3.62 31.78
N PHE B 136 -14.60 4.76 32.46
CA PHE B 136 -14.48 6.08 31.82
C PHE B 136 -13.05 6.63 31.94
N ILE B 137 -12.53 7.12 30.83
CA ILE B 137 -11.14 7.59 30.71
C ILE B 137 -11.14 9.07 30.38
N ALA B 138 -10.61 9.89 31.30
CA ALA B 138 -10.52 11.37 31.10
C ALA B 138 -9.25 11.75 30.37
N MET B 139 -9.41 12.39 29.22
CA MET B 139 -8.29 12.85 28.40
C MET B 139 -8.32 14.35 28.19
N GLU B 140 -7.15 14.88 27.92
CA GLU B 140 -6.98 16.27 27.47
C GLU B 140 -7.79 16.51 26.22
N LEU B 141 -8.65 17.51 26.25
CA LEU B 141 -9.41 17.93 25.05
C LEU B 141 -8.52 18.82 24.21
N MET B 142 -8.29 18.46 22.95
CA MET B 142 -7.59 19.33 22.00
C MET B 142 -8.64 20.03 21.11
N GLY B 143 -8.16 20.93 20.25
CA GLY B 143 -9.00 21.66 19.33
C GLY B 143 -9.40 20.83 18.14
N THR B 144 -8.44 20.40 17.33
CA THR B 144 -8.75 19.48 16.21
C THR B 144 -7.52 18.77 15.72
N CYS B 145 -7.67 17.94 14.70
CA CYS B 145 -6.54 17.21 14.11
C CYS B 145 -6.11 17.86 12.80
N ALA B 146 -4.92 17.49 12.35
CA ALA B 146 -4.34 18.10 11.14
C ALA B 146 -5.11 17.74 9.90
N GLU B 147 -5.76 16.57 9.89
CA GLU B 147 -6.59 16.20 8.78
C GLU B 147 -7.75 17.19 8.61
N LYS B 148 -8.40 17.53 9.71
CA LYS B 148 -9.50 18.48 9.68
C LYS B 148 -9.04 19.90 9.39
N LEU B 149 -7.84 20.27 9.83
CA LEU B 149 -7.29 21.55 9.44
C LEU B 149 -7.09 21.61 7.95
N LYS B 150 -6.54 20.52 7.38
CA LYS B 150 -6.33 20.45 5.91
C LYS B 150 -7.64 20.71 5.19
N LYS B 151 -8.71 20.07 5.63
CA LYS B 151 -10.03 20.28 5.02
C LYS B 151 -10.57 21.72 5.18
N ARG B 152 -10.37 22.32 6.36
CA ARG B 152 -10.80 23.68 6.63
C ARG B 152 -9.97 24.69 5.78
N MET B 153 -8.67 24.46 5.66
CA MET B 153 -7.83 25.28 4.81
C MET B 153 -8.21 25.21 3.31
N GLN B 154 -8.67 24.05 2.85
CA GLN B 154 -8.83 23.72 1.43
C GLN B 154 -7.55 23.99 0.65
N GLY B 155 -6.42 23.70 1.27
CA GLY B 155 -5.15 24.01 0.68
C GLY B 155 -4.06 23.81 1.72
N PRO B 156 -2.87 24.32 1.42
CA PRO B 156 -1.68 24.15 2.26
C PRO B 156 -1.81 24.67 3.68
N ILE B 157 -1.14 24.01 4.60
CA ILE B 157 -0.85 24.55 5.93
C ILE B 157 0.56 25.19 5.81
N PRO B 158 0.73 26.44 6.30
CA PRO B 158 2.01 27.10 6.08
C PRO B 158 3.21 26.34 6.67
N GLU B 159 4.32 26.42 5.96
CA GLU B 159 5.57 25.80 6.36
C GLU B 159 5.92 26.05 7.85
N ARG B 160 5.68 27.25 8.33
CA ARG B 160 6.09 27.59 9.68
C ARG B 160 5.30 26.76 10.72
N ILE B 161 4.03 26.49 10.45
CA ILE B 161 3.21 25.64 11.29
C ILE B 161 3.72 24.20 11.18
N LEU B 162 3.99 23.79 9.96
CA LEU B 162 4.49 22.43 9.75
C LEU B 162 5.84 22.19 10.41
N GLY B 163 6.66 23.24 10.51
CA GLY B 163 7.94 23.15 11.15
C GLY B 163 7.77 22.87 12.64
N LYS B 164 6.86 23.58 13.30
CA LYS B 164 6.60 23.32 14.71
C LYS B 164 6.02 21.93 14.93
N MET B 165 5.15 21.54 14.02
CA MET B 165 4.52 20.23 14.04
C MET B 165 5.55 19.12 13.90
N THR B 166 6.50 19.28 12.99
CA THR B 166 7.53 18.30 12.76
C THR B 166 8.34 18.11 14.04
N VAL B 167 8.73 19.22 14.66
CA VAL B 167 9.52 19.18 15.89
C VAL B 167 8.77 18.39 16.96
N ALA B 168 7.49 18.69 17.14
CA ALA B 168 6.70 18.07 18.17
C ALA B 168 6.51 16.57 17.95
N ILE B 169 6.17 16.18 16.72
CA ILE B 169 5.82 14.80 16.42
C ILE B 169 7.05 13.94 16.36
N VAL B 170 8.14 14.45 15.81
CA VAL B 170 9.38 13.70 15.86
C VAL B 170 9.83 13.48 17.33
N LYS B 171 9.73 14.49 18.18
CA LYS B 171 10.08 14.32 19.60
C LYS B 171 9.17 13.35 20.33
N ALA B 172 7.88 13.37 20.04
CA ALA B 172 6.95 12.39 20.59
C ALA B 172 7.33 10.95 20.16
N LEU B 173 7.61 10.76 18.87
CA LEU B 173 7.94 9.43 18.38
C LEU B 173 9.27 8.92 18.93
N TYR B 174 10.25 9.82 19.02
CA TYR B 174 11.56 9.51 19.59
C TYR B 174 11.43 9.17 21.05
N TYR B 175 10.57 9.89 21.75
CA TYR B 175 10.31 9.63 23.16
C TYR B 175 9.74 8.21 23.34
N LEU B 176 8.74 7.84 22.52
CA LEU B 176 8.12 6.53 22.60
C LEU B 176 9.11 5.38 22.37
N LYS B 177 9.94 5.57 21.35
CA LYS B 177 10.99 4.62 21.00
C LYS B 177 12.01 4.49 22.12
N GLU B 178 12.61 5.62 22.48
CA GLU B 178 13.77 5.66 23.34
C GLU B 178 13.44 5.34 24.80
N LYS B 179 12.28 5.79 25.30
CA LYS B 179 11.90 5.56 26.71
C LYS B 179 11.07 4.30 26.92
N HIS B 180 10.21 3.94 25.96
CA HIS B 180 9.32 2.78 26.13
C HIS B 180 9.46 1.67 25.11
N GLY B 181 10.40 1.80 24.16
CA GLY B 181 10.55 0.81 23.10
C GLY B 181 9.27 0.64 22.27
N VAL B 182 8.55 1.75 22.04
CA VAL B 182 7.25 1.68 21.36
C VAL B 182 7.37 2.29 19.95
N ILE B 183 6.77 1.58 19.01
CA ILE B 183 6.56 2.06 17.66
C ILE B 183 5.07 2.41 17.48
N HIS B 184 4.79 3.61 16.97
CA HIS B 184 3.42 4.10 16.89
C HIS B 184 2.58 3.32 15.87
N ARG B 185 3.11 3.23 14.64
CA ARG B 185 2.50 2.47 13.52
C ARG B 185 1.28 3.08 12.81
N ASP B 186 0.95 4.30 13.14
CA ASP B 186 -0.19 4.96 12.54
C ASP B 186 0.04 6.48 12.48
N VAL B 187 1.22 6.89 12.05
CA VAL B 187 1.52 8.31 11.94
C VAL B 187 0.76 8.85 10.73
N LYS B 188 -0.17 9.76 10.95
CA LYS B 188 -0.93 10.36 9.85
C LYS B 188 -1.60 11.60 10.38
N PRO B 189 -2.12 12.47 9.49
CA PRO B 189 -2.63 13.74 10.00
C PRO B 189 -3.74 13.66 11.04
N SER B 190 -4.60 12.63 10.97
CA SER B 190 -5.69 12.54 11.95
C SER B 190 -5.18 12.23 13.40
N ASN B 191 -3.95 11.82 13.56
CA ASN B 191 -3.35 11.61 14.85
C ASN B 191 -2.43 12.74 15.33
N ILE B 192 -2.46 13.87 14.64
CA ILE B 192 -1.67 15.00 15.03
C ILE B 192 -2.69 16.01 15.45
N LEU B 193 -2.62 16.42 16.72
CA LEU B 193 -3.60 17.33 17.28
C LEU B 193 -3.03 18.71 17.57
N LEU B 194 -3.89 19.71 17.42
CA LEU B 194 -3.56 21.11 17.74
C LEU B 194 -4.63 21.68 18.65
N ASP B 195 -4.26 22.66 19.46
CA ASP B 195 -5.21 23.41 20.29
C ASP B 195 -4.99 24.91 20.18
N GLU B 196 -5.89 25.64 20.82
CA GLU B 196 -5.86 27.11 20.81
C GLU B 196 -4.71 27.73 21.61
N ARG B 197 -4.02 26.95 22.44
CA ARG B 197 -2.78 27.39 23.08
C ARG B 197 -1.56 27.16 22.19
N GLY B 198 -1.75 26.71 20.96
CA GLY B 198 -0.65 26.45 20.05
C GLY B 198 0.14 25.19 20.36
N GLN B 199 -0.39 24.30 21.17
CA GLN B 199 0.28 23.03 21.41
C GLN B 199 0.00 22.05 20.27
N ILE B 200 0.98 21.22 19.98
CA ILE B 200 0.84 20.20 18.97
C ILE B 200 1.21 18.90 19.64
N LYS B 201 0.32 17.91 19.55
CA LYS B 201 0.58 16.64 20.21
C LYS B 201 0.19 15.43 19.37
N LEU B 202 0.86 14.33 19.65
CA LEU B 202 0.57 13.06 19.03
C LEU B 202 -0.46 12.32 19.88
N CYS B 203 -1.31 11.55 19.22
CA CYS B 203 -2.28 10.76 19.94
C CYS B 203 -2.51 9.38 19.30
N ASP B 204 -3.42 8.62 19.93
CA ASP B 204 -3.92 7.31 19.50
C ASP B 204 -2.83 6.27 19.27
N PHE B 205 -2.53 5.52 20.34
CA PHE B 205 -1.49 4.50 20.32
C PHE B 205 -2.16 3.16 20.43
N GLY B 206 -3.40 3.09 19.91
CA GLY B 206 -4.23 1.91 20.07
C GLY B 206 -3.71 0.72 19.29
N ILE B 207 -2.97 0.99 18.22
CA ILE B 207 -2.25 -0.07 17.48
C ILE B 207 -0.70 0.05 17.58
N SER B 208 -0.20 0.81 18.56
CA SER B 208 1.22 0.85 18.87
C SER B 208 1.71 -0.54 19.30
N GLY B 209 3.01 -0.80 19.08
CA GLY B 209 3.63 -2.06 19.47
C GLY B 209 4.93 -1.88 20.24
N ARG B 210 5.19 -2.80 21.17
CA ARG B 210 6.49 -2.86 21.87
C ARG B 210 7.51 -3.51 20.95
N LEU B 211 8.64 -2.83 20.70
CA LEU B 211 9.72 -3.37 19.87
C LEU B 211 10.48 -4.50 20.59
N VAL B 212 10.86 -5.52 19.83
CA VAL B 212 11.78 -6.58 20.30
C VAL B 212 13.03 -6.51 19.41
N ASP B 213 14.20 -6.26 20.03
CA ASP B 213 15.46 -5.95 19.32
C ASP B 213 15.31 -4.82 18.27
N ASP B 214 14.56 -3.77 18.62
CA ASP B 214 14.21 -2.63 17.73
C ASP B 214 13.32 -2.99 16.49
N LYS B 215 12.64 -4.14 16.54
CA LYS B 215 11.79 -4.64 15.44
C LYS B 215 10.33 -4.86 15.91
N ALA B 216 9.38 -4.67 14.98
CA ALA B 216 7.96 -5.02 15.19
C ALA B 216 7.54 -6.06 14.14
N LYS B 217 6.63 -6.96 14.51
CA LYS B 217 6.20 -8.07 13.64
C LYS B 217 4.81 -7.91 12.99
N ASP B 218 3.89 -7.23 13.67
CA ASP B 218 2.47 -7.18 13.25
C ASP B 218 2.28 -6.46 11.89
N ARG B 219 2.00 -7.25 10.85
CA ARG B 219 1.89 -6.72 9.48
C ARG B 219 0.54 -6.05 9.19
N SER B 220 -0.50 -6.34 9.98
CA SER B 220 -1.85 -5.72 9.81
C SER B 220 -2.02 -4.35 10.52
N ALA B 221 -1.08 -4.00 11.40
CA ALA B 221 -1.20 -2.80 12.21
C ALA B 221 -0.86 -1.52 11.41
N GLY B 222 -1.88 -0.77 10.97
CA GLY B 222 -1.68 0.55 10.33
C GLY B 222 -2.60 0.86 9.16
N CYS B 223 -2.61 2.14 8.75
CA CYS B 223 -3.45 2.65 7.63
C CYS B 223 -2.68 2.57 6.33
N ALA B 224 -3.29 1.88 5.36
CA ALA B 224 -2.61 1.45 4.15
C ALA B 224 -1.91 2.61 3.42
N ALA B 225 -2.60 3.74 3.27
CA ALA B 225 -2.10 4.84 2.43
C ALA B 225 -0.71 5.44 2.89
N TYR B 226 -0.43 5.36 4.21
CA TYR B 226 0.78 5.89 4.80
C TYR B 226 1.80 4.82 5.11
N MET B 227 1.64 3.63 4.55
CA MET B 227 2.61 2.59 4.77
C MET B 227 3.88 2.74 3.94
N ALA B 228 5.00 2.49 4.61
CA ALA B 228 6.30 2.45 3.96
C ALA B 228 6.41 1.23 3.02
N PRO B 229 7.25 1.32 1.97
CA PRO B 229 7.48 0.22 1.07
C PRO B 229 7.81 -1.12 1.73
N GLU B 230 8.67 -1.09 2.74
CA GLU B 230 9.13 -2.32 3.39
C GLU B 230 8.04 -2.97 4.25
N ARG B 231 7.01 -2.22 4.61
CA ARG B 231 5.80 -2.81 5.23
C ARG B 231 4.78 -3.34 4.24
N ILE B 232 4.67 -2.73 3.07
CA ILE B 232 3.81 -3.25 2.03
C ILE B 232 4.39 -4.55 1.51
N ASP B 233 5.71 -4.59 1.33
CA ASP B 233 6.35 -5.74 0.70
C ASP B 233 7.74 -5.98 1.29
N PRO B 234 7.80 -6.68 2.42
CA PRO B 234 9.09 -6.89 3.10
C PRO B 234 10.17 -7.43 2.15
N PRO B 235 11.38 -6.81 2.13
CA PRO B 235 12.44 -7.25 1.19
C PRO B 235 12.84 -8.71 1.39
N ASP B 236 12.88 -9.13 2.66
CA ASP B 236 13.05 -10.56 3.01
C ASP B 236 11.75 -11.20 3.63
N PRO B 237 10.96 -11.92 2.79
CA PRO B 237 9.71 -12.56 3.28
C PRO B 237 9.87 -13.49 4.51
N THR B 238 11.07 -14.07 4.68
CA THR B 238 11.39 -14.87 5.87
C THR B 238 11.68 -14.02 7.12
N LYS B 239 12.06 -12.74 6.96
CA LYS B 239 12.23 -11.79 8.09
C LYS B 239 11.41 -10.53 7.82
N PRO B 240 10.07 -10.63 7.96
CA PRO B 240 9.20 -9.52 7.56
C PRO B 240 9.15 -8.32 8.51
N ASP B 241 9.92 -8.32 9.60
CA ASP B 241 9.91 -7.21 10.54
C ASP B 241 10.36 -5.85 9.97
N TYR B 242 9.81 -4.83 10.60
CA TYR B 242 10.05 -3.43 10.26
C TYR B 242 10.37 -2.73 11.57
N ASP B 243 10.72 -1.46 11.49
CA ASP B 243 11.13 -0.70 12.65
C ASP B 243 10.61 0.72 12.52
N ILE B 244 11.09 1.62 13.38
CA ILE B 244 10.59 2.99 13.41
C ILE B 244 10.80 3.80 12.11
N ARG B 245 11.73 3.35 11.28
CA ARG B 245 11.89 3.98 9.99
C ARG B 245 10.61 3.91 9.15
N ALA B 246 9.78 2.88 9.36
CA ALA B 246 8.48 2.83 8.70
C ALA B 246 7.63 4.03 9.08
N ASP B 247 7.67 4.41 10.35
CA ASP B 247 6.95 5.60 10.80
C ASP B 247 7.56 6.91 10.24
N VAL B 248 8.87 6.90 10.00
CA VAL B 248 9.53 8.07 9.41
C VAL B 248 8.95 8.32 8.01
N TRP B 249 8.72 7.25 7.26
CA TRP B 249 8.08 7.39 5.93
C TRP B 249 6.69 7.98 6.06
N SER B 250 5.88 7.45 6.99
CA SER B 250 4.51 7.98 7.20
C SER B 250 4.50 9.44 7.53
N LEU B 251 5.48 9.88 8.33
CA LEU B 251 5.66 11.29 8.63
C LEU B 251 5.91 12.09 7.35
N GLY B 252 6.80 11.59 6.50
CA GLY B 252 7.12 12.28 5.24
C GLY B 252 5.91 12.47 4.35
N ILE B 253 5.12 11.41 4.17
CA ILE B 253 3.90 11.46 3.42
C ILE B 253 2.91 12.45 4.01
N SER B 254 2.77 12.43 5.33
CA SER B 254 1.91 13.37 6.02
C SER B 254 2.35 14.83 5.77
N LEU B 255 3.65 15.08 5.75
CA LEU B 255 4.15 16.44 5.55
C LEU B 255 3.89 16.95 4.12
N VAL B 256 4.08 16.07 3.12
CA VAL B 256 3.80 16.41 1.75
C VAL B 256 2.32 16.67 1.57
N GLU B 257 1.49 15.84 2.17
CA GLU B 257 0.04 16.06 2.15
C GLU B 257 -0.37 17.42 2.75
N LEU B 258 0.15 17.72 3.94
CA LEU B 258 -0.26 18.94 4.63
C LEU B 258 0.35 20.18 3.98
N ALA B 259 1.54 20.04 3.41
CA ALA B 259 2.23 21.21 2.81
C ALA B 259 1.60 21.60 1.48
N THR B 260 1.07 20.62 0.75
CA THR B 260 0.48 20.88 -0.56
C THR B 260 -1.03 20.96 -0.48
N GLY B 261 -1.64 20.53 0.61
CA GLY B 261 -3.12 20.43 0.67
C GLY B 261 -3.70 19.21 -0.06
N GLN B 262 -2.86 18.34 -0.60
CA GLN B 262 -3.35 17.03 -1.04
C GLN B 262 -2.52 15.84 -0.84
N PHE B 263 -3.21 14.77 -0.54
CA PHE B 263 -2.55 13.52 -0.36
C PHE B 263 -1.81 13.24 -1.69
N PRO B 264 -0.52 12.87 -1.64
CA PRO B 264 0.25 12.67 -2.86
C PRO B 264 -0.29 11.64 -3.84
N TYR B 265 -1.01 10.65 -3.33
CA TYR B 265 -1.60 9.65 -4.24
C TYR B 265 -3.12 9.79 -4.42
N LYS B 266 -3.64 10.97 -4.21
CA LYS B 266 -5.09 11.20 -4.26
C LYS B 266 -5.74 10.84 -5.57
N ASN B 267 -5.04 10.97 -6.70
CA ASN B 267 -5.62 10.55 -7.97
C ASN B 267 -5.59 9.05 -8.33
N CYS B 268 -5.00 8.24 -7.46
CA CYS B 268 -5.21 6.78 -7.54
C CYS B 268 -6.69 6.46 -7.28
N LYS B 269 -7.22 5.52 -8.03
CA LYS B 269 -8.61 5.18 -7.94
C LYS B 269 -8.91 4.15 -6.87
N THR B 270 -7.89 3.50 -6.32
CA THR B 270 -8.07 2.51 -5.19
C THR B 270 -6.87 2.50 -4.28
N ASP B 271 -7.06 2.00 -3.08
CA ASP B 271 -5.96 1.73 -2.17
C ASP B 271 -4.87 0.82 -2.77
N PHE B 272 -5.31 -0.21 -3.49
CA PHE B 272 -4.39 -1.16 -4.11
C PHE B 272 -3.48 -0.46 -5.10
N GLU B 273 -4.06 0.48 -5.84
CA GLU B 273 -3.29 1.32 -6.75
C GLU B 273 -2.31 2.21 -5.98
N VAL B 274 -2.72 2.84 -4.87
CA VAL B 274 -1.79 3.68 -4.05
C VAL B 274 -0.55 2.89 -3.62
N LEU B 275 -0.79 1.68 -3.07
CA LEU B 275 0.30 0.86 -2.64
C LEU B 275 1.18 0.46 -3.80
N THR B 276 0.58 0.13 -4.93
CA THR B 276 1.35 -0.31 -6.08
C THR B 276 2.30 0.81 -6.51
N LYS B 277 1.85 2.05 -6.42
CA LYS B 277 2.74 3.17 -6.76
C LYS B 277 3.85 3.40 -5.77
N VAL B 278 3.52 3.26 -4.49
CA VAL B 278 4.54 3.42 -3.45
C VAL B 278 5.65 2.42 -3.74
N LEU B 279 5.29 1.19 -4.15
CA LEU B 279 6.30 0.23 -4.50
C LEU B 279 7.02 0.61 -5.80
N GLN B 280 6.28 0.96 -6.81
CA GLN B 280 6.79 0.93 -8.16
C GLN B 280 7.46 2.24 -8.60
N GLU B 281 7.07 3.36 -8.01
CA GLU B 281 7.48 4.63 -8.52
C GLU B 281 8.38 5.27 -7.54
N GLU B 282 9.00 6.34 -7.98
CA GLU B 282 9.82 7.15 -7.10
C GLU B 282 8.95 7.76 -5.98
N PRO B 283 9.55 8.05 -4.83
CA PRO B 283 8.79 8.67 -3.74
C PRO B 283 8.31 10.10 -4.05
N PRO B 284 7.24 10.55 -3.40
CA PRO B 284 6.85 11.97 -3.54
C PRO B 284 7.90 12.89 -2.91
N LEU B 285 7.97 14.10 -3.41
CA LEU B 285 8.78 15.13 -2.84
C LEU B 285 7.89 16.33 -2.70
N LEU B 286 8.33 17.33 -1.93
CA LEU B 286 7.72 18.65 -2.02
C LEU B 286 8.02 19.18 -3.43
N PRO B 287 7.02 19.76 -4.09
CA PRO B 287 7.30 20.26 -5.44
C PRO B 287 8.17 21.50 -5.37
N GLY B 288 9.21 21.55 -6.22
CA GLY B 288 10.19 22.62 -6.21
C GLY B 288 9.71 24.01 -6.58
N HIS B 289 8.65 24.08 -7.36
CA HIS B 289 8.13 25.38 -7.89
C HIS B 289 7.36 26.19 -6.84
N MET B 290 6.93 25.57 -5.75
CA MET B 290 6.07 26.25 -4.77
C MET B 290 6.86 27.17 -3.83
N GLY B 291 8.18 27.01 -3.81
CA GLY B 291 9.06 27.84 -2.99
C GLY B 291 9.17 27.42 -1.52
N PHE B 292 9.04 26.12 -1.24
CA PHE B 292 9.42 25.63 0.09
C PHE B 292 10.90 25.83 0.35
N SER B 293 11.27 26.10 1.59
CA SER B 293 12.70 26.30 1.91
C SER B 293 13.50 25.02 1.62
N GLY B 294 14.77 25.20 1.29
CA GLY B 294 15.72 24.11 1.02
C GLY B 294 15.76 23.06 2.11
N ASP B 295 15.76 23.50 3.34
CA ASP B 295 15.79 22.56 4.46
C ASP B 295 14.53 21.71 4.63
N PHE B 296 13.36 22.29 4.40
CA PHE B 296 12.13 21.55 4.43
C PHE B 296 12.11 20.49 3.31
N GLN B 297 12.50 20.90 2.12
CA GLN B 297 12.60 19.97 0.98
C GLN B 297 13.54 18.82 1.29
N SER B 298 14.69 19.15 1.85
CA SER B 298 15.68 18.16 2.27
C SER B 298 15.12 17.19 3.31
N PHE B 299 14.43 17.72 4.32
CA PHE B 299 13.86 16.92 5.43
C PHE B 299 12.85 15.88 4.95
N VAL B 300 11.95 16.31 4.07
CA VAL B 300 10.95 15.44 3.46
C VAL B 300 11.58 14.39 2.56
N LYS B 301 12.54 14.82 1.75
CA LYS B 301 13.26 13.87 0.88
C LYS B 301 13.98 12.78 1.68
N ASP B 302 14.57 13.15 2.81
CA ASP B 302 15.22 12.19 3.69
C ASP B 302 14.19 11.19 4.30
N CYS B 303 13.07 11.72 4.82
CA CYS B 303 11.99 10.90 5.35
C CYS B 303 11.45 9.92 4.29
N LEU B 304 11.36 10.38 3.05
CA LEU B 304 10.85 9.55 1.94
C LEU B 304 11.96 8.87 1.12
N THR B 305 12.98 8.39 1.80
CA THR B 305 13.95 7.49 1.20
C THR B 305 13.29 6.10 1.10
N LYS B 306 13.16 5.56 -0.11
CA LYS B 306 12.55 4.23 -0.32
C LYS B 306 13.22 3.09 0.36
N ASP B 307 14.54 3.00 0.19
CA ASP B 307 15.36 2.00 0.82
C ASP B 307 15.43 2.34 2.29
N HIS B 308 14.74 1.54 3.10
CA HIS B 308 14.66 1.74 4.53
C HIS B 308 16.02 1.68 5.25
N ARG B 309 17.00 0.98 4.69
CA ARG B 309 18.33 0.95 5.29
C ARG B 309 19.04 2.29 5.23
N LYS B 310 18.67 3.12 4.26
CA LYS B 310 19.23 4.48 4.14
C LYS B 310 18.36 5.57 4.73
N ARG B 311 17.18 5.22 5.24
CA ARG B 311 16.26 6.21 5.79
C ARG B 311 16.66 6.52 7.21
N PRO B 312 16.70 7.81 7.57
CA PRO B 312 17.17 8.16 8.91
C PRO B 312 16.21 7.76 10.03
N LYS B 313 16.78 7.41 11.18
CA LYS B 313 16.02 7.23 12.43
C LYS B 313 15.80 8.58 13.08
N TYR B 314 14.98 8.61 14.13
CA TYR B 314 14.58 9.86 14.78
C TYR B 314 15.75 10.67 15.31
N ASN B 315 16.73 9.99 15.89
CA ASN B 315 17.89 10.68 16.41
C ASN B 315 18.64 11.46 15.32
N LYS B 316 18.71 10.89 14.14
CA LYS B 316 19.32 11.57 13.01
C LYS B 316 18.40 12.71 12.49
N LEU B 317 17.08 12.51 12.45
CA LEU B 317 16.17 13.60 12.05
C LEU B 317 16.27 14.82 12.96
N LEU B 318 16.49 14.58 14.24
CA LEU B 318 16.57 15.65 15.23
C LEU B 318 17.82 16.53 15.05
N GLU B 319 18.81 16.05 14.28
CA GLU B 319 20.00 16.82 13.93
C GLU B 319 19.81 17.61 12.66
N HIS B 320 18.69 17.42 11.98
CA HIS B 320 18.48 18.06 10.68
C HIS B 320 18.22 19.57 10.85
N SER B 321 18.73 20.36 9.91
CA SER B 321 18.66 21.83 10.06
C SER B 321 17.21 22.37 10.04
N PHE B 322 16.31 21.70 9.32
CA PHE B 322 14.84 21.97 9.44
C PHE B 322 14.36 21.93 10.89
N ILE B 323 14.72 20.88 11.61
CA ILE B 323 14.32 20.78 13.03
C ILE B 323 15.02 21.78 13.91
N LYS B 324 16.31 21.96 13.70
CA LYS B 324 17.10 22.93 14.49
C LYS B 324 16.57 24.35 14.32
N ARG B 325 16.22 24.71 13.09
CA ARG B 325 15.64 26.01 12.82
C ARG B 325 14.31 26.23 13.57
N TYR B 326 13.43 25.22 13.60
CA TYR B 326 12.12 25.40 14.22
C TYR B 326 12.05 25.15 15.72
N GLU B 327 13.02 24.43 16.27
CA GLU B 327 13.13 24.32 17.73
C GLU B 327 13.19 25.70 18.41
N THR B 328 14.00 26.60 17.85
CA THR B 328 14.27 27.89 18.46
C THR B 328 13.40 29.02 17.90
N LEU B 329 12.70 28.79 16.80
CA LEU B 329 11.95 29.88 16.13
C LEU B 329 10.60 30.17 16.78
N GLU B 330 10.35 31.44 17.00
CA GLU B 330 9.11 31.91 17.58
C GLU B 330 8.09 31.82 16.46
N VAL B 331 7.12 30.93 16.62
CA VAL B 331 6.03 30.85 15.70
C VAL B 331 4.75 30.91 16.48
N ASP B 332 3.85 31.79 16.07
CA ASP B 332 2.59 31.98 16.77
C ASP B 332 1.57 31.00 16.18
N VAL B 333 1.70 29.74 16.60
CA VAL B 333 0.78 28.67 16.20
C VAL B 333 -0.62 28.94 16.74
N ALA B 334 -0.71 29.40 17.97
CA ALA B 334 -1.98 29.69 18.65
C ALA B 334 -2.86 30.68 17.90
N SER B 335 -2.29 31.80 17.48
CA SER B 335 -3.04 32.81 16.72
C SER B 335 -3.47 32.24 15.40
N TRP B 336 -2.55 31.58 14.72
CA TRP B 336 -2.86 30.98 13.43
C TRP B 336 -4.06 30.01 13.59
N PHE B 337 -3.97 29.11 14.58
CA PHE B 337 -5.01 28.13 14.86
C PHE B 337 -6.35 28.79 15.10
N LYS B 338 -6.39 29.77 15.99
CA LYS B 338 -7.63 30.48 16.30
C LYS B 338 -8.24 31.18 15.10
N ASP B 339 -7.38 31.79 14.28
CA ASP B 339 -7.81 32.45 13.04
CA ASP B 339 -7.82 32.44 13.05
C ASP B 339 -8.47 31.45 12.09
N VAL B 340 -7.81 30.33 11.87
CA VAL B 340 -8.35 29.29 10.97
C VAL B 340 -9.70 28.78 11.46
N MET B 341 -9.77 28.46 12.75
CA MET B 341 -11.00 27.91 13.33
C MET B 341 -12.14 28.94 13.32
N ALA B 342 -11.81 30.21 13.53
CA ALA B 342 -12.80 31.29 13.42
C ALA B 342 -13.31 31.49 11.98
N LYS B 343 -12.43 31.42 10.99
CA LYS B 343 -12.78 31.75 9.60
C LYS B 343 -13.45 30.63 8.80
N THR B 344 -13.23 29.38 9.17
CA THR B 344 -13.72 28.23 8.38
C THR B 344 -14.86 27.49 9.08
N GLU B 345 -15.62 26.70 8.33
CA GLU B 345 -16.69 25.88 8.92
C GLU B 345 -16.14 24.50 9.29
N SER B 346 -16.82 23.79 10.20
CA SER B 346 -16.53 22.38 10.50
C SER B 346 -16.65 21.56 9.21
N PRO B 347 -15.64 20.73 8.88
CA PRO B 347 -15.65 20.01 7.59
C PRO B 347 -16.95 19.24 7.28
N SER C 29 -26.21 20.78 -8.99
CA SER C 29 -25.60 19.41 -8.97
C SER C 29 -26.68 18.34 -9.09
N MET C 30 -26.65 17.52 -10.15
CA MET C 30 -27.65 16.45 -10.33
C MET C 30 -27.64 15.41 -9.22
N GLU C 31 -26.50 15.27 -8.54
CA GLU C 31 -26.39 14.47 -7.31
C GLU C 31 -27.22 15.09 -6.18
N SER C 32 -27.10 16.41 -6.02
CA SER C 32 -27.88 17.18 -5.05
C SER C 32 -29.40 17.19 -5.34
N ILE C 33 -29.77 17.31 -6.63
CA ILE C 33 -31.18 17.35 -7.04
C ILE C 33 -31.90 16.02 -6.77
N GLU C 34 -31.29 14.88 -7.15
CA GLU C 34 -31.89 13.54 -6.92
C GLU C 34 -31.93 13.16 -5.43
N ILE C 35 -30.90 13.54 -4.67
CA ILE C 35 -30.88 13.33 -3.22
C ILE C 35 -32.00 14.09 -2.48
N ASP C 36 -32.22 15.35 -2.83
CA ASP C 36 -33.34 16.12 -2.27
C ASP C 36 -34.68 15.65 -2.86
N GLN C 37 -34.67 15.26 -4.15
CA GLN C 37 -35.84 14.64 -4.82
C GLN C 37 -36.31 13.39 -4.08
N LYS C 38 -35.37 12.48 -3.83
CA LYS C 38 -35.64 11.26 -3.07
C LYS C 38 -36.06 11.55 -1.64
N LEU C 39 -35.38 12.50 -0.98
CA LEU C 39 -35.73 12.93 0.39
C LEU C 39 -37.16 13.46 0.49
N GLN C 40 -37.56 14.31 -0.47
CA GLN C 40 -38.94 14.80 -0.57
C GLN C 40 -39.94 13.66 -0.73
N GLU C 41 -39.72 12.80 -1.73
CA GLU C 41 -40.54 11.60 -1.97
C GLU C 41 -40.77 10.75 -0.73
N ILE C 42 -39.72 10.57 0.10
CA ILE C 42 -39.78 9.81 1.36
C ILE C 42 -40.50 10.58 2.49
N MET C 43 -40.21 11.88 2.64
CA MET C 43 -40.90 12.73 3.64
C MET C 43 -42.40 12.89 3.38
N LYS C 44 -42.82 12.83 2.12
CA LYS C 44 -44.25 12.80 1.75
C LYS C 44 -44.99 11.59 2.31
N GLN C 45 -44.28 10.45 2.48
CA GLN C 45 -44.87 9.22 3.01
C GLN C 45 -44.54 8.97 4.50
N THR C 46 -44.02 9.98 5.21
CA THR C 46 -43.57 9.82 6.60
C THR C 46 -44.73 9.89 7.61
N GLY C 47 -44.46 9.46 8.84
CA GLY C 47 -45.45 9.51 9.91
C GLY C 47 -46.35 8.29 10.02
N TYR C 48 -46.02 7.20 9.31
CA TYR C 48 -46.80 5.96 9.43
C TYR C 48 -45.99 4.67 9.13
N LEU C 49 -46.41 3.59 9.78
CA LEU C 49 -45.83 2.26 9.60
C LEU C 49 -46.85 1.37 8.93
N THR C 50 -46.43 0.70 7.86
CA THR C 50 -47.22 -0.32 7.23
C THR C 50 -46.66 -1.67 7.66
N ILE C 51 -47.40 -2.36 8.51
CA ILE C 51 -46.97 -3.59 9.12
C ILE C 51 -48.17 -4.52 9.34
N GLY C 52 -48.04 -5.76 8.87
CA GLY C 52 -49.13 -6.73 8.94
C GLY C 52 -50.29 -6.40 8.01
N GLY C 53 -49.99 -5.79 6.86
CA GLY C 53 -51.02 -5.37 5.90
C GLY C 53 -51.92 -4.20 6.31
N GLN C 54 -51.49 -3.41 7.31
CA GLN C 54 -52.30 -2.30 7.85
C GLN C 54 -51.41 -1.07 8.14
N ARG C 55 -51.95 0.12 7.88
CA ARG C 55 -51.22 1.38 7.94
C ARG C 55 -51.57 2.11 9.23
N TYR C 56 -50.58 2.36 10.09
CA TYR C 56 -50.77 2.99 11.40
C TYR C 56 -50.03 4.30 11.46
N GLN C 57 -50.68 5.34 12.00
CA GLN C 57 -49.98 6.58 12.33
C GLN C 57 -48.92 6.30 13.40
N ALA C 58 -47.75 6.92 13.29
CA ALA C 58 -46.60 6.57 14.17
C ALA C 58 -45.75 7.76 14.60
N GLU C 59 -45.45 7.81 15.91
CA GLU C 59 -44.52 8.78 16.50
C GLU C 59 -43.51 8.04 17.37
N ILE C 60 -42.40 8.71 17.73
CA ILE C 60 -41.37 8.13 18.61
C ILE C 60 -41.94 7.57 19.94
N ASN C 61 -42.97 8.22 20.49
CA ASN C 61 -43.60 7.77 21.74
C ASN C 61 -44.40 6.46 21.63
N ASP C 62 -44.75 6.08 20.39
CA ASP C 62 -45.36 4.77 20.11
C ASP C 62 -44.37 3.60 20.15
N LEU C 63 -43.08 3.90 20.34
CA LEU C 63 -42.02 2.91 20.27
C LEU C 63 -41.26 2.83 21.60
N GLU C 64 -41.34 1.65 22.20
CA GLU C 64 -40.60 1.33 23.42
C GLU C 64 -39.19 0.86 23.03
N ASN C 65 -38.16 1.52 23.58
CA ASN C 65 -36.76 1.16 23.30
C ASN C 65 -36.39 -0.10 24.06
N LEU C 66 -35.69 -1.03 23.40
CA LEU C 66 -35.19 -2.26 24.03
C LEU C 66 -33.67 -2.46 23.88
N GLY C 67 -32.93 -1.40 23.55
CA GLY C 67 -31.45 -1.44 23.52
C GLY C 67 -30.86 -1.49 22.12
N GLU C 68 -29.60 -1.08 22.00
CA GLU C 68 -28.91 -1.03 20.69
C GLU C 68 -28.49 -2.44 20.23
N MET C 69 -28.14 -2.55 18.93
CA MET C 69 -27.50 -3.75 18.37
C MET C 69 -26.23 -3.33 17.61
N GLY C 70 -25.07 -3.59 18.21
CA GLY C 70 -23.78 -3.09 17.73
C GLY C 70 -23.26 -3.79 16.50
N GLN C 76 -26.40 4.21 14.41
CA GLN C 76 -27.03 3.50 15.52
C GLN C 76 -28.29 2.75 15.05
N VAL C 77 -28.39 1.47 15.44
CA VAL C 77 -29.60 0.67 15.20
C VAL C 77 -30.20 0.18 16.54
N TRP C 78 -31.45 0.56 16.80
CA TRP C 78 -32.14 0.21 18.05
C TRP C 78 -33.23 -0.84 17.81
N LYS C 79 -33.34 -1.79 18.73
CA LYS C 79 -34.43 -2.76 18.75
C LYS C 79 -35.59 -2.16 19.54
N MET C 80 -36.76 -2.03 18.92
CA MET C 80 -37.90 -1.34 19.53
C MET C 80 -39.23 -2.08 19.37
N ARG C 81 -40.09 -1.99 20.40
CA ARG C 81 -41.46 -2.52 20.35
C ARG C 81 -42.46 -1.43 19.96
N PHE C 82 -43.19 -1.66 18.88
CA PHE C 82 -44.28 -0.80 18.47
C PHE C 82 -45.47 -1.13 19.34
N ARG C 83 -45.83 -0.17 20.19
CA ARG C 83 -46.84 -0.36 21.23
C ARG C 83 -48.26 -0.70 20.72
N LYS C 84 -48.59 -0.23 19.52
CA LYS C 84 -49.92 -0.47 18.95
C LYS C 84 -50.16 -1.90 18.48
N THR C 85 -49.12 -2.59 18.02
CA THR C 85 -49.27 -3.98 17.55
C THR C 85 -48.48 -5.02 18.35
N GLY C 86 -47.52 -4.59 19.15
CA GLY C 86 -46.56 -5.50 19.79
C GLY C 86 -45.41 -6.02 18.94
N HIS C 87 -45.32 -5.63 17.66
CA HIS C 87 -44.20 -6.06 16.80
C HIS C 87 -42.91 -5.44 17.29
N VAL C 88 -41.86 -6.25 17.29
CA VAL C 88 -40.53 -5.78 17.60
C VAL C 88 -39.83 -5.52 16.26
N ILE C 89 -39.23 -4.35 16.14
CA ILE C 89 -38.63 -3.92 14.90
C ILE C 89 -37.23 -3.36 15.10
N ALA C 90 -36.52 -3.18 13.99
CA ALA C 90 -35.23 -2.50 13.98
C ALA C 90 -35.44 -1.05 13.57
N VAL C 91 -34.79 -0.13 14.26
CA VAL C 91 -34.94 1.30 14.00
C VAL C 91 -33.60 1.99 13.76
N LYS C 92 -33.36 2.41 12.52
CA LYS C 92 -32.15 3.20 12.15
C LYS C 92 -32.39 4.68 12.40
N GLN C 93 -31.33 5.37 12.81
CA GLN C 93 -31.40 6.78 13.14
C GLN C 93 -30.49 7.60 12.20
N MET C 94 -31.10 8.43 11.35
CA MET C 94 -30.36 9.36 10.47
C MET C 94 -30.35 10.75 11.13
N ARG C 95 -29.16 11.31 11.37
CA ARG C 95 -29.02 12.64 11.99
C ARG C 95 -29.04 13.76 10.94
N ARG C 96 -29.74 14.85 11.24
CA ARG C 96 -29.66 16.08 10.42
C ARG C 96 -28.24 16.69 10.47
N SER C 97 -27.61 16.67 11.65
CA SER C 97 -26.22 17.12 11.84
C SER C 97 -25.26 15.91 11.96
N GLY C 98 -25.25 15.05 10.93
CA GLY C 98 -24.38 13.88 10.86
C GLY C 98 -23.54 13.90 9.60
N ASN C 99 -22.65 12.92 9.49
CA ASN C 99 -21.73 12.77 8.33
C ASN C 99 -22.48 12.78 6.98
N LYS C 100 -22.08 13.70 6.08
CA LYS C 100 -22.77 13.90 4.78
C LYS C 100 -22.69 12.69 3.83
N GLU C 101 -21.52 12.04 3.79
CA GLU C 101 -21.34 10.84 2.95
C GLU C 101 -22.17 9.66 3.50
N GLU C 102 -22.21 9.54 4.83
CA GLU C 102 -22.93 8.47 5.51
C GLU C 102 -24.45 8.61 5.35
N ASN C 103 -24.96 9.84 5.45
CA ASN C 103 -26.40 10.10 5.19
C ASN C 103 -26.81 9.83 3.72
N LYS C 104 -25.91 10.10 2.77
CA LYS C 104 -26.11 9.70 1.36
C LYS C 104 -26.22 8.16 1.15
N ARG C 105 -25.41 7.40 1.88
CA ARG C 105 -25.50 5.93 1.88
C ARG C 105 -26.82 5.45 2.51
N ILE C 106 -27.22 6.05 3.64
CA ILE C 106 -28.48 5.68 4.32
C ILE C 106 -29.68 5.97 3.40
N LEU C 107 -29.66 7.10 2.71
CA LEU C 107 -30.73 7.40 1.74
C LEU C 107 -30.74 6.46 0.53
N MET C 108 -29.56 6.03 0.07
CA MET C 108 -29.47 5.09 -1.05
C MET C 108 -29.99 3.70 -0.65
N ASP C 109 -29.55 3.22 0.52
CA ASP C 109 -30.04 1.99 1.13
C ASP C 109 -31.58 2.04 1.32
N LEU C 110 -32.07 3.16 1.86
CA LEU C 110 -33.51 3.32 2.08
C LEU C 110 -34.29 3.29 0.76
N ASP C 111 -33.77 3.98 -0.24
CA ASP C 111 -34.44 4.04 -1.53
C ASP C 111 -34.58 2.66 -2.18
N VAL C 112 -33.52 1.88 -2.14
CA VAL C 112 -33.54 0.55 -2.71
C VAL C 112 -34.44 -0.42 -1.94
N VAL C 113 -34.45 -0.28 -0.61
CA VAL C 113 -35.34 -1.08 0.23
C VAL C 113 -36.81 -0.83 -0.09
N LEU C 114 -37.18 0.45 -0.24
CA LEU C 114 -38.58 0.80 -0.53
C LEU C 114 -39.01 0.32 -1.90
N LYS C 115 -38.14 0.48 -2.89
CA LYS C 115 -38.39 -0.05 -4.23
C LYS C 115 -38.46 -1.58 -4.29
N SER C 116 -37.83 -2.26 -3.35
CA SER C 116 -37.76 -3.72 -3.32
C SER C 116 -38.84 -4.34 -2.42
N HIS C 117 -39.89 -3.59 -2.10
CA HIS C 117 -41.00 -4.11 -1.28
C HIS C 117 -41.50 -5.51 -1.69
N ASP C 118 -41.59 -5.80 -2.98
CA ASP C 118 -42.15 -7.06 -3.47
C ASP C 118 -41.16 -8.21 -3.51
N CYS C 119 -39.87 -7.96 -3.34
CA CYS C 119 -38.90 -9.08 -3.31
C CYS C 119 -38.84 -9.68 -1.91
N PRO C 120 -39.14 -10.98 -1.79
CA PRO C 120 -39.14 -11.58 -0.43
C PRO C 120 -37.75 -11.89 0.13
N TYR C 121 -36.70 -11.78 -0.68
CA TYR C 121 -35.32 -12.03 -0.22
C TYR C 121 -34.56 -10.75 0.17
N ILE C 122 -35.27 -9.64 0.29
CA ILE C 122 -34.68 -8.36 0.68
C ILE C 122 -35.49 -7.81 1.84
N VAL C 123 -34.77 -7.40 2.87
CA VAL C 123 -35.39 -6.87 4.07
C VAL C 123 -36.36 -5.75 3.75
N GLN C 124 -37.38 -5.65 4.59
CA GLN C 124 -38.52 -4.82 4.36
C GLN C 124 -38.38 -3.60 5.26
N CYS C 125 -38.86 -2.46 4.79
CA CYS C 125 -38.96 -1.25 5.59
C CYS C 125 -40.43 -0.97 5.81
N PHE C 126 -40.80 -0.68 7.05
CA PHE C 126 -42.19 -0.47 7.35
C PHE C 126 -42.59 0.99 7.25
N GLY C 127 -41.62 1.89 7.13
CA GLY C 127 -41.93 3.34 7.12
C GLY C 127 -40.91 4.19 7.85
N THR C 128 -41.17 5.49 7.88
CA THR C 128 -40.29 6.44 8.53
C THR C 128 -41.11 7.38 9.37
N PHE C 129 -40.44 8.09 10.26
CA PHE C 129 -41.02 9.28 10.89
C PHE C 129 -39.89 10.23 11.34
N ILE C 130 -40.23 11.50 11.49
CA ILE C 130 -39.21 12.57 11.62
C ILE C 130 -39.35 13.39 12.91
N THR C 131 -38.20 13.85 13.43
CA THR C 131 -38.13 14.85 14.50
C THR C 131 -37.47 16.11 13.91
N ASN C 132 -37.30 17.15 14.74
CA ASN C 132 -36.55 18.35 14.31
C ASN C 132 -35.08 18.06 13.92
N THR C 133 -34.45 17.08 14.57
CA THR C 133 -33.05 16.75 14.35
C THR C 133 -32.76 15.40 13.68
N ASP C 134 -33.76 14.52 13.58
CA ASP C 134 -33.54 13.11 13.15
C ASP C 134 -34.61 12.55 12.18
N VAL C 135 -34.19 11.55 11.40
CA VAL C 135 -35.12 10.70 10.64
C VAL C 135 -34.95 9.27 11.15
N PHE C 136 -36.02 8.72 11.74
CA PHE C 136 -36.02 7.32 12.17
C PHE C 136 -36.63 6.40 11.10
N ILE C 137 -35.94 5.30 10.81
CA ILE C 137 -36.29 4.36 9.75
C ILE C 137 -36.62 3.01 10.36
N ALA C 138 -37.88 2.56 10.21
CA ALA C 138 -38.36 1.27 10.75
C ALA C 138 -38.14 0.12 9.77
N MET C 139 -37.38 -0.87 10.19
CA MET C 139 -37.03 -2.02 9.39
C MET C 139 -37.50 -3.31 10.04
N GLU C 140 -37.72 -4.30 9.20
CA GLU C 140 -37.89 -5.68 9.63
C GLU C 140 -36.72 -6.14 10.51
N LEU C 141 -37.03 -6.63 11.70
CA LEU C 141 -36.00 -7.19 12.58
C LEU C 141 -35.66 -8.60 12.14
N MET C 142 -34.37 -8.84 11.87
CA MET C 142 -33.88 -10.17 11.64
C MET C 142 -33.17 -10.64 12.89
N GLY C 143 -32.74 -11.90 12.86
CA GLY C 143 -32.03 -12.50 13.96
C GLY C 143 -30.57 -12.12 13.98
N THR C 144 -29.82 -12.51 12.98
CA THR C 144 -28.41 -12.06 12.87
C THR C 144 -27.89 -12.19 11.45
N CYS C 145 -26.62 -11.86 11.25
CA CYS C 145 -25.99 -12.01 9.94
C CYS C 145 -25.11 -13.28 9.85
N ALA C 146 -24.74 -13.67 8.65
CA ALA C 146 -23.96 -14.84 8.43
C ALA C 146 -22.55 -14.73 9.00
N GLU C 147 -22.01 -13.53 9.06
CA GLU C 147 -20.71 -13.34 9.66
C GLU C 147 -20.74 -13.70 11.15
N LYS C 148 -21.74 -13.21 11.86
CA LYS C 148 -21.91 -13.53 13.24
C LYS C 148 -22.27 -15.00 13.50
N LEU C 149 -23.00 -15.65 12.58
CA LEU C 149 -23.22 -17.09 12.68
C LEU C 149 -21.89 -17.82 12.56
N LYS C 150 -21.06 -17.40 11.60
CA LYS C 150 -19.75 -18.02 11.41
C LYS C 150 -18.99 -17.96 12.71
N LYS C 151 -18.99 -16.80 13.36
CA LYS C 151 -18.29 -16.66 14.65
C LYS C 151 -18.86 -17.52 15.79
N ARG C 152 -20.19 -17.60 15.85
CA ARG C 152 -20.87 -18.41 16.83
C ARG C 152 -20.57 -19.91 16.58
N MET C 153 -20.58 -20.33 15.32
CA MET C 153 -20.26 -21.72 14.96
C MET C 153 -18.83 -22.11 15.32
N GLN C 154 -17.90 -21.15 15.22
CA GLN C 154 -16.45 -21.39 15.25
C GLN C 154 -16.04 -22.47 14.25
N GLY C 155 -16.67 -22.46 13.10
CA GLY C 155 -16.48 -23.51 12.12
C GLY C 155 -17.51 -23.41 11.03
N PRO C 156 -17.60 -24.44 10.18
CA PRO C 156 -18.51 -24.46 9.03
C PRO C 156 -20.00 -24.25 9.36
N ILE C 157 -20.70 -23.65 8.43
CA ILE C 157 -22.15 -23.70 8.36
C ILE C 157 -22.49 -24.85 7.41
N PRO C 158 -23.45 -25.71 7.79
CA PRO C 158 -23.73 -26.86 6.92
C PRO C 158 -24.15 -26.50 5.49
N GLU C 159 -23.75 -27.32 4.55
CA GLU C 159 -24.13 -27.18 3.15
C GLU C 159 -25.63 -26.91 2.93
N ARG C 160 -26.48 -27.59 3.68
CA ARG C 160 -27.91 -27.50 3.44
C ARG C 160 -28.43 -26.10 3.76
N ILE C 161 -27.86 -25.47 4.77
CA ILE C 161 -28.16 -24.05 5.08
C ILE C 161 -27.59 -23.15 3.97
N LEU C 162 -26.36 -23.41 3.57
CA LEU C 162 -25.74 -22.62 2.50
C LEU C 162 -26.44 -22.75 1.16
N GLY C 163 -27.07 -23.90 0.89
CA GLY C 163 -27.88 -24.06 -0.30
C GLY C 163 -29.11 -23.17 -0.31
N LYS C 164 -29.83 -23.11 0.81
CA LYS C 164 -30.98 -22.19 0.88
C LYS C 164 -30.55 -20.75 0.80
N MET C 165 -29.43 -20.45 1.44
CA MET C 165 -28.83 -19.10 1.39
C MET C 165 -28.44 -18.67 -0.03
N THR C 166 -27.84 -19.58 -0.78
CA THR C 166 -27.45 -19.29 -2.14
C THR C 166 -28.68 -18.94 -2.99
N VAL C 167 -29.74 -19.75 -2.83
CA VAL C 167 -30.97 -19.52 -3.59
C VAL C 167 -31.50 -18.13 -3.30
N ALA C 168 -31.55 -17.78 -2.03
CA ALA C 168 -32.16 -16.52 -1.62
C ALA C 168 -31.35 -15.30 -2.08
N ILE C 169 -30.04 -15.38 -1.94
CA ILE C 169 -29.17 -14.25 -2.23
C ILE C 169 -29.02 -14.07 -3.74
N VAL C 170 -28.89 -15.16 -4.48
CA VAL C 170 -28.87 -15.04 -5.93
C VAL C 170 -30.19 -14.43 -6.47
N LYS C 171 -31.33 -14.86 -5.94
CA LYS C 171 -32.60 -14.26 -6.34
C LYS C 171 -32.74 -12.78 -5.98
N ALA C 172 -32.26 -12.40 -4.80
CA ALA C 172 -32.24 -10.99 -4.43
C ALA C 172 -31.38 -10.15 -5.38
N LEU C 173 -30.19 -10.66 -5.69
CA LEU C 173 -29.27 -9.92 -6.57
C LEU C 173 -29.80 -9.81 -8.01
N TYR C 174 -30.39 -10.90 -8.48
CA TYR C 174 -31.02 -10.93 -9.77
C TYR C 174 -32.21 -9.99 -9.83
N TYR C 175 -32.99 -9.95 -8.76
CA TYR C 175 -34.10 -9.02 -8.67
C TYR C 175 -33.62 -7.56 -8.75
N LEU C 176 -32.57 -7.22 -8.01
CA LEU C 176 -32.03 -5.84 -8.04
C LEU C 176 -31.54 -5.41 -9.44
N LYS C 177 -30.83 -6.33 -10.09
CA LYS C 177 -30.31 -6.13 -11.43
C LYS C 177 -31.45 -5.97 -12.43
N GLU C 178 -32.32 -6.97 -12.47
CA GLU C 178 -33.35 -7.08 -13.49
C GLU C 178 -34.49 -6.07 -13.34
N LYS C 179 -34.91 -5.76 -12.12
CA LYS C 179 -36.02 -4.81 -11.88
C LYS C 179 -35.57 -3.37 -11.67
N HIS C 180 -34.41 -3.17 -11.05
CA HIS C 180 -33.96 -1.78 -10.78
C HIS C 180 -32.62 -1.38 -11.41
N GLY C 181 -31.97 -2.26 -12.16
CA GLY C 181 -30.66 -1.96 -12.71
C GLY C 181 -29.62 -1.66 -11.65
N VAL C 182 -29.69 -2.36 -10.52
CA VAL C 182 -28.83 -2.08 -9.39
C VAL C 182 -27.83 -3.20 -9.21
N ILE C 183 -26.59 -2.80 -8.97
CA ILE C 183 -25.52 -3.70 -8.56
C ILE C 183 -25.27 -3.44 -7.06
N HIS C 184 -25.21 -4.51 -6.27
CA HIS C 184 -25.08 -4.41 -4.81
C HIS C 184 -23.70 -3.89 -4.36
N ARG C 185 -22.65 -4.55 -4.85
CA ARG C 185 -21.24 -4.15 -4.67
C ARG C 185 -20.62 -4.44 -3.30
N ASP C 186 -21.33 -5.17 -2.47
CA ASP C 186 -20.84 -5.49 -1.14
C ASP C 186 -21.40 -6.82 -0.66
N VAL C 187 -21.38 -7.82 -1.52
CA VAL C 187 -21.89 -9.11 -1.18
C VAL C 187 -20.86 -9.71 -0.26
N LYS C 188 -21.24 -9.95 0.99
CA LYS C 188 -20.36 -10.56 1.97
C LYS C 188 -21.21 -11.06 3.13
N PRO C 189 -20.65 -11.91 4.01
CA PRO C 189 -21.52 -12.54 5.02
C PRO C 189 -22.23 -11.58 5.97
N SER C 190 -21.64 -10.43 6.27
CA SER C 190 -22.33 -9.48 7.15
C SER C 190 -23.59 -8.86 6.52
N ASN C 191 -23.78 -9.02 5.22
CA ASN C 191 -24.99 -8.54 4.55
C ASN C 191 -26.01 -9.64 4.17
N ILE C 192 -25.81 -10.82 4.72
CA ILE C 192 -26.75 -11.92 4.56
C ILE C 192 -27.36 -12.16 5.91
N LEU C 193 -28.67 -11.96 6.02
CA LEU C 193 -29.37 -12.05 7.28
C LEU C 193 -30.27 -13.30 7.38
N LEU C 194 -30.36 -13.82 8.60
CA LEU C 194 -31.22 -14.96 8.92
C LEU C 194 -32.08 -14.62 10.11
N ASP C 195 -33.27 -15.22 10.17
CA ASP C 195 -34.15 -15.08 11.32
C ASP C 195 -34.67 -16.43 11.79
N GLU C 196 -35.41 -16.38 12.89
CA GLU C 196 -35.93 -17.58 13.57
C GLU C 196 -37.09 -18.23 12.82
N ARG C 197 -37.65 -17.55 11.81
CA ARG C 197 -38.59 -18.18 10.89
C ARG C 197 -37.89 -18.90 9.72
N GLY C 198 -36.56 -18.97 9.74
CA GLY C 198 -35.82 -19.56 8.66
C GLY C 198 -35.77 -18.74 7.37
N GLN C 199 -36.10 -17.47 7.40
CA GLN C 199 -35.91 -16.63 6.22
C GLN C 199 -34.46 -16.20 6.08
N ILE C 200 -34.04 -16.03 4.83
CA ILE C 200 -32.72 -15.53 4.52
C ILE C 200 -32.90 -14.34 3.59
N LYS C 201 -32.31 -13.20 3.95
CA LYS C 201 -32.46 -12.00 3.16
C LYS C 201 -31.19 -11.22 3.02
N LEU C 202 -31.14 -10.48 1.93
CA LEU C 202 -30.03 -9.60 1.64
C LEU C 202 -30.33 -8.24 2.22
N CYS C 203 -29.29 -7.54 2.66
CA CYS C 203 -29.47 -6.22 3.19
C CYS C 203 -28.30 -5.29 2.82
N ASP C 204 -28.43 -4.03 3.29
CA ASP C 204 -27.44 -2.94 3.17
C ASP C 204 -27.02 -2.66 1.73
N PHE C 205 -27.75 -1.72 1.11
CA PHE C 205 -27.51 -1.31 -0.26
C PHE C 205 -26.95 0.09 -0.24
N GLY C 206 -26.23 0.43 0.85
CA GLY C 206 -25.72 1.77 1.06
C GLY C 206 -24.65 2.18 0.07
N ILE C 207 -23.92 1.21 -0.48
CA ILE C 207 -22.99 1.48 -1.58
C ILE C 207 -23.40 0.81 -2.91
N SER C 208 -24.66 0.41 -3.03
CA SER C 208 -25.21 -0.07 -4.30
C SER C 208 -25.16 1.06 -5.33
N GLY C 209 -25.08 0.67 -6.61
CA GLY C 209 -25.05 1.63 -7.74
C GLY C 209 -26.04 1.30 -8.83
N ARG C 210 -26.57 2.32 -9.49
CA ARG C 210 -27.39 2.14 -10.69
C ARG C 210 -26.47 1.84 -11.89
N LEU C 211 -26.72 0.74 -12.60
CA LEU C 211 -25.95 0.39 -13.80
C LEU C 211 -26.29 1.30 -15.00
N VAL C 212 -25.28 1.64 -15.78
CA VAL C 212 -25.44 2.32 -17.07
C VAL C 212 -24.88 1.38 -18.13
N ASP C 213 -25.74 0.99 -19.09
CA ASP C 213 -25.44 -0.08 -20.07
C ASP C 213 -24.88 -1.38 -19.41
N ASP C 214 -25.49 -1.77 -18.29
CA ASP C 214 -25.06 -2.93 -17.45
C ASP C 214 -23.65 -2.81 -16.82
N LYS C 215 -23.13 -1.59 -16.73
CA LYS C 215 -21.80 -1.31 -16.16
C LYS C 215 -21.90 -0.35 -14.94
N ALA C 216 -20.97 -0.52 -13.99
CA ALA C 216 -20.76 0.44 -12.89
C ALA C 216 -19.34 0.99 -12.96
N LYS C 217 -19.17 2.24 -12.55
CA LYS C 217 -17.87 2.94 -12.64
C LYS C 217 -17.09 3.07 -11.30
N ASP C 218 -17.80 3.18 -10.18
CA ASP C 218 -17.20 3.55 -8.90
C ASP C 218 -16.23 2.47 -8.40
N ARG C 219 -14.94 2.79 -8.43
CA ARG C 219 -13.89 1.83 -8.07
C ARG C 219 -13.65 1.71 -6.56
N SER C 220 -14.07 2.70 -5.78
CA SER C 220 -13.91 2.68 -4.31
C SER C 220 -15.07 1.97 -3.57
N ALA C 221 -16.16 1.66 -4.28
CA ALA C 221 -17.34 1.07 -3.67
C ALA C 221 -17.16 -0.45 -3.42
N GLY C 222 -16.90 -0.81 -2.16
CA GLY C 222 -16.88 -2.23 -1.77
C GLY C 222 -15.78 -2.56 -0.78
N CYS C 223 -15.91 -3.74 -0.18
CA CYS C 223 -14.95 -4.23 0.79
C CYS C 223 -13.86 -5.02 0.03
N ALA C 224 -12.61 -4.63 0.26
CA ALA C 224 -11.45 -5.08 -0.52
C ALA C 224 -11.33 -6.58 -0.59
N ALA C 225 -11.54 -7.26 0.54
CA ALA C 225 -11.32 -8.71 0.61
C ALA C 225 -12.17 -9.55 -0.39
N TYR C 226 -13.35 -9.03 -0.74
CA TYR C 226 -14.31 -9.76 -1.55
C TYR C 226 -14.34 -9.25 -2.96
N MET C 227 -13.36 -8.44 -3.33
CA MET C 227 -13.30 -7.91 -4.68
C MET C 227 -12.83 -8.94 -5.71
N ALA C 228 -13.51 -8.92 -6.84
CA ALA C 228 -13.15 -9.72 -7.98
C ALA C 228 -11.84 -9.19 -8.63
N PRO C 229 -11.08 -10.07 -9.32
CA PRO C 229 -9.82 -9.70 -9.96
C PRO C 229 -9.93 -8.49 -10.88
N GLU C 230 -10.99 -8.41 -11.66
CA GLU C 230 -11.17 -7.32 -12.64
C GLU C 230 -11.47 -5.97 -11.99
N ARG C 231 -11.93 -5.97 -10.73
CA ARG C 231 -12.09 -4.75 -9.96
C ARG C 231 -10.78 -4.36 -9.30
N ILE C 232 -9.98 -5.32 -8.88
CA ILE C 232 -8.67 -4.99 -8.32
C ILE C 232 -7.77 -4.43 -9.41
N ASP C 233 -7.80 -5.04 -10.59
CA ASP C 233 -6.83 -4.75 -11.65
C ASP C 233 -7.50 -4.90 -13.00
N PRO C 234 -8.18 -3.84 -13.46
CA PRO C 234 -8.93 -3.92 -14.70
C PRO C 234 -8.04 -4.39 -15.86
N PRO C 235 -8.48 -5.41 -16.62
CA PRO C 235 -7.67 -5.94 -17.72
C PRO C 235 -7.32 -4.85 -18.77
N ASP C 236 -8.30 -4.00 -19.07
CA ASP C 236 -8.09 -2.81 -19.95
C ASP C 236 -8.18 -1.42 -19.16
N PRO C 237 -7.01 -0.88 -18.79
CA PRO C 237 -6.97 0.39 -18.00
C PRO C 237 -7.71 1.63 -18.62
N THR C 238 -7.91 1.60 -19.94
CA THR C 238 -8.80 2.51 -20.60
C THR C 238 -10.32 2.24 -20.43
N LYS C 239 -10.72 1.00 -20.12
CA LYS C 239 -12.13 0.64 -19.88
C LYS C 239 -12.23 -0.11 -18.55
N PRO C 240 -12.07 0.64 -17.43
CA PRO C 240 -11.96 -0.01 -16.12
C PRO C 240 -13.27 -0.47 -15.49
N ASP C 241 -14.42 -0.27 -16.13
CA ASP C 241 -15.73 -0.54 -15.47
C ASP C 241 -16.01 -2.04 -15.29
N TYR C 242 -16.93 -2.38 -14.40
CA TYR C 242 -17.22 -3.77 -14.03
C TYR C 242 -18.74 -3.92 -14.03
N ASP C 243 -19.20 -5.13 -13.79
CA ASP C 243 -20.65 -5.41 -13.82
C ASP C 243 -20.99 -6.40 -12.73
N ILE C 244 -22.20 -6.95 -12.76
CA ILE C 244 -22.69 -7.87 -11.71
C ILE C 244 -21.88 -9.14 -11.56
N ARG C 245 -21.10 -9.50 -12.57
CA ARG C 245 -20.19 -10.62 -12.40
C ARG C 245 -19.18 -10.40 -11.28
N ALA C 246 -18.81 -9.15 -10.99
CA ALA C 246 -17.96 -8.87 -9.85
C ALA C 246 -18.63 -9.33 -8.54
N ASP C 247 -19.93 -9.09 -8.40
CA ASP C 247 -20.69 -9.59 -7.25
C ASP C 247 -20.80 -11.12 -7.21
N VAL C 248 -20.80 -11.75 -8.37
CA VAL C 248 -20.82 -13.22 -8.45
C VAL C 248 -19.56 -13.79 -7.85
N TRP C 249 -18.41 -13.15 -8.12
CA TRP C 249 -17.21 -13.56 -7.43
C TRP C 249 -17.36 -13.43 -5.89
N SER C 250 -17.83 -12.27 -5.42
CA SER C 250 -17.94 -12.03 -3.97
C SER C 250 -18.81 -13.06 -3.30
N LEU C 251 -19.86 -13.44 -3.99
CA LEU C 251 -20.73 -14.55 -3.54
C LEU C 251 -19.92 -15.84 -3.38
N GLY C 252 -19.11 -16.17 -4.38
CA GLY C 252 -18.30 -17.38 -4.31
C GLY C 252 -17.40 -17.38 -3.10
N ILE C 253 -16.71 -16.24 -2.85
CA ILE C 253 -15.77 -16.11 -1.74
C ILE C 253 -16.52 -16.25 -0.42
N SER C 254 -17.69 -15.63 -0.35
CA SER C 254 -18.53 -15.75 0.83
C SER C 254 -18.94 -17.23 1.12
N LEU C 255 -19.26 -17.98 0.07
CA LEU C 255 -19.66 -19.38 0.21
C LEU C 255 -18.50 -20.28 0.69
N VAL C 256 -17.31 -20.06 0.18
CA VAL C 256 -16.13 -20.79 0.64
C VAL C 256 -15.85 -20.46 2.09
N GLU C 257 -15.94 -19.17 2.43
CA GLU C 257 -15.74 -18.74 3.82
C GLU C 257 -16.70 -19.37 4.82
N LEU C 258 -17.99 -19.34 4.49
CA LEU C 258 -19.01 -19.91 5.34
C LEU C 258 -18.97 -21.44 5.36
N ALA C 259 -18.61 -22.05 4.24
CA ALA C 259 -18.60 -23.53 4.18
C ALA C 259 -17.43 -24.12 4.92
N THR C 260 -16.30 -23.40 4.97
CA THR C 260 -15.10 -23.89 5.64
C THR C 260 -14.89 -23.24 7.00
N GLY C 261 -15.64 -22.19 7.34
CA GLY C 261 -15.43 -21.50 8.63
C GLY C 261 -14.23 -20.57 8.60
N GLN C 262 -13.57 -20.44 7.46
CA GLN C 262 -12.50 -19.47 7.34
C GLN C 262 -12.46 -18.72 6.04
N PHE C 263 -12.18 -17.43 6.15
CA PHE C 263 -11.96 -16.66 4.97
C PHE C 263 -10.77 -17.27 4.19
N PRO C 264 -10.92 -17.52 2.88
CA PRO C 264 -9.98 -18.39 2.16
C PRO C 264 -8.52 -18.01 2.06
N TYR C 265 -8.23 -16.75 1.91
CA TYR C 265 -6.87 -16.45 1.63
C TYR C 265 -6.20 -16.39 2.98
N LYS C 266 -5.60 -17.55 3.31
CA LYS C 266 -5.06 -17.86 4.61
C LYS C 266 -3.80 -17.08 4.81
N ASN C 267 -3.65 -16.63 6.05
CA ASN C 267 -2.40 -16.11 6.57
C ASN C 267 -2.10 -14.87 5.73
N CYS C 268 -3.10 -14.02 5.42
CA CYS C 268 -2.74 -12.73 4.98
C CYS C 268 -2.71 -11.68 6.09
N LYS C 269 -1.56 -11.02 6.18
CA LYS C 269 -1.35 -10.06 7.21
C LYS C 269 -1.91 -8.67 6.86
N THR C 270 -2.28 -8.43 5.59
CA THR C 270 -2.86 -7.13 5.16
C THR C 270 -3.83 -7.33 4.03
N ASP C 271 -4.70 -6.35 3.83
CA ASP C 271 -5.55 -6.26 2.64
C ASP C 271 -4.75 -6.31 1.31
N PHE C 272 -3.59 -5.64 1.26
CA PHE C 272 -2.72 -5.66 0.06
C PHE C 272 -2.29 -7.08 -0.26
N GLU C 273 -1.95 -7.84 0.78
CA GLU C 273 -1.55 -9.24 0.60
C GLU C 273 -2.72 -10.10 0.13
N VAL C 274 -3.91 -9.87 0.68
CA VAL C 274 -5.10 -10.59 0.17
C VAL C 274 -5.33 -10.35 -1.35
N LEU C 275 -5.33 -9.07 -1.75
CA LEU C 275 -5.58 -8.72 -3.13
C LEU C 275 -4.49 -9.27 -4.03
N THR C 276 -3.24 -9.26 -3.56
CA THR C 276 -2.16 -9.85 -4.35
C THR C 276 -2.41 -11.33 -4.66
N LYS C 277 -2.90 -12.07 -3.67
CA LYS C 277 -3.22 -13.50 -3.87
C LYS C 277 -4.40 -13.71 -4.82
N VAL C 278 -5.40 -12.85 -4.73
CA VAL C 278 -6.56 -12.95 -5.63
C VAL C 278 -6.06 -12.85 -7.04
N LEU C 279 -5.16 -11.92 -7.29
CA LEU C 279 -4.62 -11.77 -8.59
C LEU C 279 -3.73 -12.96 -8.95
N GLN C 280 -2.85 -13.38 -8.05
CA GLN C 280 -1.71 -14.21 -8.45
C GLN C 280 -2.00 -15.70 -8.34
N GLU C 281 -2.95 -16.09 -7.50
CA GLU C 281 -3.14 -17.48 -7.24
C GLU C 281 -4.41 -17.98 -7.91
N GLU C 282 -4.51 -19.29 -7.99
CA GLU C 282 -5.73 -19.95 -8.49
C GLU C 282 -6.84 -19.68 -7.53
N PRO C 283 -8.07 -19.62 -8.04
CA PRO C 283 -9.15 -19.18 -7.16
C PRO C 283 -9.38 -20.22 -6.09
N PRO C 284 -9.89 -19.82 -4.90
CA PRO C 284 -10.02 -20.78 -3.81
C PRO C 284 -11.25 -21.64 -3.94
N LEU C 285 -11.09 -22.93 -4.17
CA LEU C 285 -12.22 -23.82 -4.36
C LEU C 285 -12.65 -24.42 -3.02
N LEU C 286 -13.83 -25.02 -2.96
CA LEU C 286 -14.15 -25.85 -1.80
C LEU C 286 -13.13 -27.00 -1.77
N PRO C 287 -12.56 -27.29 -0.60
CA PRO C 287 -11.62 -28.42 -0.56
C PRO C 287 -12.34 -29.77 -0.75
N GLY C 288 -11.83 -30.62 -1.64
CA GLY C 288 -12.48 -31.87 -2.01
C GLY C 288 -12.57 -32.96 -0.95
N HIS C 289 -11.65 -32.93 0.01
CA HIS C 289 -11.61 -33.91 1.10
C HIS C 289 -12.71 -33.74 2.18
N MET C 290 -13.37 -32.59 2.25
CA MET C 290 -14.37 -32.34 3.32
C MET C 290 -15.73 -32.99 3.03
N GLY C 291 -15.94 -33.44 1.79
CA GLY C 291 -17.20 -34.08 1.42
C GLY C 291 -18.36 -33.14 1.11
N PHE C 292 -18.05 -32.03 0.48
CA PHE C 292 -19.08 -31.26 -0.21
C PHE C 292 -19.61 -31.93 -1.45
N SER C 293 -20.88 -31.74 -1.73
CA SER C 293 -21.48 -32.33 -2.94
C SER C 293 -20.88 -31.75 -4.24
N GLY C 294 -20.84 -32.57 -5.28
CA GLY C 294 -20.39 -32.19 -6.59
C GLY C 294 -20.99 -30.89 -7.10
N ASP C 295 -22.31 -30.74 -6.96
CA ASP C 295 -23.00 -29.58 -7.51
C ASP C 295 -22.64 -28.29 -6.73
N PHE C 296 -22.40 -28.39 -5.43
CA PHE C 296 -21.92 -27.24 -4.64
C PHE C 296 -20.50 -26.85 -5.10
N GLN C 297 -19.62 -27.85 -5.25
CA GLN C 297 -18.26 -27.60 -5.71
C GLN C 297 -18.27 -26.94 -7.07
N SER C 298 -19.11 -27.45 -7.96
CA SER C 298 -19.30 -26.88 -9.29
C SER C 298 -19.77 -25.41 -9.23
N PHE C 299 -20.75 -25.15 -8.38
CA PHE C 299 -21.34 -23.82 -8.28
C PHE C 299 -20.31 -22.74 -7.84
N VAL C 300 -19.52 -23.10 -6.82
CA VAL C 300 -18.48 -22.26 -6.29
C VAL C 300 -17.38 -22.05 -7.32
N LYS C 301 -16.99 -23.12 -8.01
CA LYS C 301 -15.98 -23.03 -9.05
C LYS C 301 -16.42 -22.13 -10.21
N ASP C 302 -17.68 -22.22 -10.61
CA ASP C 302 -18.22 -21.29 -11.61
C ASP C 302 -18.20 -19.80 -11.14
N CYS C 303 -18.69 -19.55 -9.92
CA CYS C 303 -18.66 -18.21 -9.32
C CYS C 303 -17.23 -17.63 -9.27
N LEU C 304 -16.25 -18.49 -8.97
CA LEU C 304 -14.86 -18.10 -8.83
C LEU C 304 -14.06 -18.34 -10.11
N THR C 305 -14.66 -18.06 -11.26
CA THR C 305 -13.93 -18.04 -12.52
C THR C 305 -13.19 -16.71 -12.57
N LYS C 306 -11.85 -16.77 -12.65
CA LYS C 306 -11.01 -15.56 -12.63
C LYS C 306 -11.29 -14.62 -13.77
N ASP C 307 -11.35 -15.17 -14.98
CA ASP C 307 -11.69 -14.42 -16.18
C ASP C 307 -13.17 -14.08 -16.15
N HIS C 308 -13.45 -12.80 -15.92
CA HIS C 308 -14.80 -12.32 -15.79
C HIS C 308 -15.67 -12.51 -17.05
N ARG C 309 -15.05 -12.57 -18.22
CA ARG C 309 -15.80 -12.81 -19.46
C ARG C 309 -16.39 -14.22 -19.49
N LYS C 310 -15.78 -15.16 -18.76
CA LYS C 310 -16.29 -16.52 -18.65
C LYS C 310 -17.11 -16.80 -17.39
N ARG C 311 -17.25 -15.82 -16.51
CA ARG C 311 -17.96 -16.00 -15.24
C ARG C 311 -19.45 -15.81 -15.47
N PRO C 312 -20.30 -16.72 -14.96
CA PRO C 312 -21.71 -16.61 -15.25
C PRO C 312 -22.39 -15.39 -14.60
N LYS C 313 -23.41 -14.86 -15.27
CA LYS C 313 -24.33 -13.90 -14.69
C LYS C 313 -25.43 -14.66 -13.86
N TYR C 314 -26.24 -13.89 -13.13
CA TYR C 314 -27.27 -14.48 -12.24
C TYR C 314 -28.26 -15.37 -12.96
N ASN C 315 -28.69 -14.96 -14.15
CA ASN C 315 -29.65 -15.75 -14.90
C ASN C 315 -29.10 -17.15 -15.26
N LYS C 316 -27.81 -17.23 -15.52
CA LYS C 316 -27.14 -18.51 -15.72
C LYS C 316 -26.94 -19.28 -14.38
N LEU C 317 -26.58 -18.59 -13.29
CA LEU C 317 -26.49 -19.28 -11.98
C LEU C 317 -27.81 -19.92 -11.51
N LEU C 318 -28.92 -19.26 -11.83
CA LEU C 318 -30.24 -19.77 -11.47
C LEU C 318 -30.64 -21.06 -12.21
N GLU C 319 -29.94 -21.39 -13.30
CA GLU C 319 -30.12 -22.66 -14.01
C GLU C 319 -29.21 -23.74 -13.47
N HIS C 320 -28.31 -23.42 -12.55
CA HIS C 320 -27.36 -24.40 -12.05
C HIS C 320 -28.05 -25.44 -11.17
N SER C 321 -27.58 -26.68 -11.23
CA SER C 321 -28.28 -27.78 -10.53
C SER C 321 -28.23 -27.63 -8.99
N PHE C 322 -27.15 -27.05 -8.44
CA PHE C 322 -27.11 -26.64 -7.01
C PHE C 322 -28.34 -25.82 -6.62
N ILE C 323 -28.66 -24.79 -7.40
CA ILE C 323 -29.82 -23.95 -7.13
C ILE C 323 -31.12 -24.69 -7.33
N LYS C 324 -31.23 -25.44 -8.42
CA LYS C 324 -32.45 -26.22 -8.69
C LYS C 324 -32.75 -27.23 -7.58
N ARG C 325 -31.71 -27.91 -7.11
CA ARG C 325 -31.86 -28.85 -6.01
C ARG C 325 -32.37 -28.15 -4.74
N TYR C 326 -31.84 -26.97 -4.39
CA TYR C 326 -32.25 -26.33 -3.12
C TYR C 326 -33.53 -25.50 -3.20
N GLU C 327 -33.94 -25.07 -4.38
CA GLU C 327 -35.24 -24.40 -4.56
C GLU C 327 -36.39 -25.24 -4.03
N THR C 328 -36.36 -26.53 -4.34
CA THR C 328 -37.44 -27.44 -4.01
C THR C 328 -37.20 -28.24 -2.72
N LEU C 329 -35.99 -28.23 -2.18
CA LEU C 329 -35.68 -29.08 -1.02
C LEU C 329 -36.19 -28.47 0.30
N GLU C 330 -36.83 -29.31 1.09
CA GLU C 330 -37.30 -28.96 2.43
C GLU C 330 -36.10 -28.96 3.33
N VAL C 331 -35.74 -27.78 3.82
CA VAL C 331 -34.64 -27.67 4.77
C VAL C 331 -35.15 -26.87 5.94
N ASP C 332 -34.96 -27.39 7.14
CA ASP C 332 -35.44 -26.72 8.35
C ASP C 332 -34.39 -25.74 8.87
N VAL C 333 -34.30 -24.60 8.17
CA VAL C 333 -33.35 -23.53 8.49
C VAL C 333 -33.70 -22.93 9.84
N ALA C 334 -35.00 -22.75 10.08
CA ALA C 334 -35.52 -22.19 11.35
C ALA C 334 -35.04 -22.93 12.60
N SER C 335 -35.20 -24.26 12.62
CA SER C 335 -34.75 -25.07 13.76
C SER C 335 -33.25 -25.01 13.92
N TRP C 336 -32.53 -25.15 12.84
CA TRP C 336 -31.09 -25.01 12.88
C TRP C 336 -30.69 -23.66 13.50
N PHE C 337 -31.25 -22.58 12.98
CA PHE C 337 -30.96 -21.23 13.45
C PHE C 337 -31.22 -21.10 14.93
N LYS C 338 -32.40 -21.51 15.37
CA LYS C 338 -32.76 -21.41 16.80
C LYS C 338 -31.81 -22.20 17.68
N ASP C 339 -31.41 -23.39 17.22
CA ASP C 339 -30.45 -24.24 17.96
CA ASP C 339 -30.46 -24.23 17.96
C ASP C 339 -29.09 -23.55 18.12
N VAL C 340 -28.56 -23.03 17.01
CA VAL C 340 -27.27 -22.31 17.06
C VAL C 340 -27.33 -21.09 18.00
N MET C 341 -28.38 -20.30 17.87
CA MET C 341 -28.53 -19.08 18.69
C MET C 341 -28.74 -19.40 20.15
N ALA C 342 -29.47 -20.48 20.43
CA ALA C 342 -29.61 -20.96 21.81
C ALA C 342 -28.27 -21.44 22.40
N LYS C 343 -27.48 -22.17 21.62
CA LYS C 343 -26.28 -22.84 22.17
C LYS C 343 -25.04 -21.97 22.33
N THR C 344 -24.93 -20.90 21.52
CA THR C 344 -23.71 -20.09 21.47
C THR C 344 -23.93 -18.75 22.16
N GLU C 345 -22.85 -18.08 22.57
CA GLU C 345 -22.98 -16.69 23.10
C GLU C 345 -22.84 -15.67 21.94
N SER C 346 -23.32 -14.46 22.19
CA SER C 346 -23.12 -13.32 21.27
C SER C 346 -21.66 -13.13 21.04
N PRO C 347 -21.28 -13.09 19.76
CA PRO C 347 -19.88 -12.98 19.42
C PRO C 347 -19.32 -11.58 19.64
N ARG C 348 -17.98 -11.55 19.65
CA ARG C 348 -17.16 -10.34 19.48
C ARG C 348 -16.31 -10.43 18.19
NA NA D . 16.21 0.22 -11.92
C1 EDO E . 11.57 3.74 -23.37
O1 EDO E . 12.81 3.76 -22.65
C2 EDO E . 10.85 2.43 -23.10
O2 EDO E . 11.64 1.35 -23.57
C1 EDO F . 7.74 -9.09 -13.49
O1 EDO F . 8.05 -8.49 -12.22
C2 EDO F . 7.92 -10.60 -13.38
O2 EDO F . 7.03 -11.30 -14.28
C1 EDO G . -0.04 -8.80 -9.11
O1 EDO G . 0.69 -9.60 -10.07
C2 EDO G . 0.92 -7.91 -8.31
O2 EDO G . 0.28 -7.27 -7.19
C1 EDO H . 32.55 -2.66 -1.38
O1 EDO H . 33.45 -2.69 -0.28
C2 EDO H . 32.56 -1.31 -2.03
O2 EDO H . 31.53 -0.56 -1.53
C1 EDO I . 41.27 2.91 -0.57
O1 EDO I . 42.45 2.11 -0.75
C2 EDO I . 40.19 2.21 0.26
O2 EDO I . 39.21 1.44 -0.49
C1 EDO J . 0.79 5.53 -22.24
O1 EDO J . 0.80 5.02 -20.90
C2 EDO J . -0.60 5.36 -22.87
O2 EDO J . -0.62 5.56 -24.30
C1 EDO K . 40.66 6.86 -32.68
O1 EDO K . 39.57 6.64 -33.60
C2 EDO K . 40.87 8.36 -32.43
O2 EDO K . 41.04 8.62 -31.03
C1 EDO L . 29.70 -17.16 -16.55
O1 EDO L . 30.97 -17.78 -16.33
C2 EDO L . 28.64 -17.71 -15.59
O2 EDO L . 28.47 -16.86 -14.43
C1 EDO M . 38.21 -5.24 -26.98
O1 EDO M . 39.55 -5.19 -27.49
C2 EDO M . 37.96 -3.96 -26.19
O2 EDO M . 37.55 -2.90 -27.06
C1 EDO N . 43.05 -7.52 -29.17
O1 EDO N . 43.25 -6.14 -28.80
C2 EDO N . 42.09 -7.61 -30.35
O2 EDO N . 42.78 -7.43 -31.59
C1 EDO O . 44.69 -15.81 -23.86
O1 EDO O . 44.04 -15.53 -25.11
C2 EDO O . 44.20 -14.89 -22.78
O2 EDO O . 42.79 -14.99 -22.62
C1 EDO P . 48.95 -8.14 -8.73
O1 EDO P . 47.73 -7.40 -8.48
C2 EDO P . 48.65 -9.37 -9.59
O2 EDO P . 49.82 -9.89 -10.24
C1 EDO Q . 53.36 -14.63 -9.49
O1 EDO Q . 53.27 -15.34 -10.74
C2 EDO Q . 52.05 -14.73 -8.74
O2 EDO Q . 51.73 -16.10 -8.47
C1 EDO R . 50.13 -1.57 -26.86
O1 EDO R . 49.24 -1.83 -25.86
C2 EDO R . 50.13 -2.66 -27.84
O2 EDO R . 51.43 -2.64 -28.44
C1 EDO S . 59.44 -4.05 -20.31
O1 EDO S . 59.23 -3.48 -21.60
C2 EDO S . 59.23 -5.57 -20.34
O2 EDO S . 58.79 -6.01 -19.06
C1 EDO T . 16.38 -24.71 -17.41
O1 EDO T . 17.39 -24.03 -16.65
C2 EDO T . 16.22 -24.03 -18.76
O2 EDO T . 14.86 -24.10 -19.19
C1 EDO U . 52.35 -16.36 -15.42
O1 EDO U . 53.08 -16.48 -16.65
C2 EDO U . 52.42 -14.91 -14.93
O2 EDO U . 53.39 -14.14 -15.65
NA NA V . 2.28 13.45 28.15
C1 EDO W . 1.89 1.40 -10.72
O1 EDO W . 2.51 2.51 -11.37
C2 EDO W . 0.39 1.38 -10.97
O2 EDO W . 0.06 0.37 -11.92
C1 EDO X . -5.62 10.79 3.27
O1 EDO X . -6.51 11.51 2.41
C2 EDO X . -6.00 9.30 3.33
O2 EDO X . -5.97 8.73 2.02
C1 EDO Y . -0.41 32.70 7.09
O1 EDO Y . -1.59 33.47 7.29
C2 EDO Y . -0.07 32.61 5.61
O2 EDO Y . 1.32 32.23 5.46
C1 EDO Z . 1.89 29.45 20.59
O1 EDO Z . 1.36 30.08 19.42
C2 EDO Z . 2.87 28.35 20.21
O2 EDO Z . 4.20 28.79 20.53
C1 EDO AA . -5.04 -1.61 0.94
O1 EDO AA . -4.62 -2.34 2.11
C2 EDO AA . -4.59 -2.33 -0.32
O2 EDO AA . -5.67 -3.08 -0.87
NA NA BA . -38.64 -6.71 0.41
NA NA CA . -27.29 -18.12 23.25
C1 EDO DA . -27.47 -9.98 -15.71
O1 EDO DA . -27.81 -9.09 -16.78
C2 EDO DA . -28.73 -10.54 -15.04
O2 EDO DA . -28.50 -11.92 -14.85
#